data_4Q30
#
_entry.id   4Q30
#
_cell.length_a   47.797
_cell.length_b   113.270
_cell.length_c   164.321
_cell.angle_alpha   90.00
_cell.angle_beta   90.00
_cell.angle_gamma   90.00
#
_symmetry.space_group_name_H-M   'P 2 21 21'
#
loop_
_entity.id
_entity.type
_entity.pdbx_description
1 polymer 'Glutamate receptor 2 CHIMERIC PROTEIN'
2 non-polymer 3-(5-nitro-2,4-dioxo-3,4-dihydropyrimidin-1(2H)-yl)-L-alanine
3 non-polymer 'ZINC ION'
4 water water
#
_entity_poly.entity_id   1
_entity_poly.type   'polypeptide(L)'
_entity_poly.pdbx_seq_one_letter_code
;KTVVVTTILESPYVMMKKNHEMLEGNERYEGYCVDLAAEIAKHCGFKYKLTIVGDGKYGARDADTKIWNGMVGELVYGKA
DIAIAPLTITLVREEVIDFSKPFMSLGISIMIKKGTPIESAEDLSKQTEIAYGTLDSGSTKEFFRRSKIAVFDKMWTYMR
SAEPSVFVRTTAEGVARVRKSKGKYAYLLESTMNEYIEQRKPCDTMKVGGNLDSKGYGIATPKGSSLGTPVNLAVLKLSE
QGVLDKLKNKWWYDKGEC
;
_entity_poly.pdbx_strand_id   B,D,F
#
loop_
_chem_comp.id
_chem_comp.type
_chem_comp.name
_chem_comp.formula
ZN non-polymer 'ZINC ION' 'Zn 2'
#
# COMPACT_ATOMS: atom_id res chain seq x y z
N LYS A 1 8.67 -18.19 -11.21
CA LYS A 1 7.75 -17.88 -12.29
C LYS A 1 7.16 -16.47 -12.15
N THR A 2 7.18 -15.71 -13.23
CA THR A 2 6.58 -14.38 -13.25
C THR A 2 5.07 -14.46 -13.05
N VAL A 3 4.57 -13.72 -12.07
CA VAL A 3 3.16 -13.75 -11.76
C VAL A 3 2.37 -12.89 -12.75
N VAL A 4 1.35 -13.48 -13.37
CA VAL A 4 0.51 -12.73 -14.31
C VAL A 4 -0.60 -12.00 -13.56
N VAL A 5 -0.59 -10.67 -13.64
CA VAL A 5 -1.59 -9.84 -12.93
C VAL A 5 -2.62 -9.30 -13.90
N THR A 6 -3.89 -9.60 -13.64
CA THR A 6 -4.94 -9.07 -14.48
C THR A 6 -5.49 -7.82 -13.81
N THR A 7 -5.78 -6.82 -14.64
CA THR A 7 -6.30 -5.58 -14.13
C THR A 7 -7.09 -4.93 -15.24
N ILE A 8 -7.67 -3.77 -14.96
CA ILE A 8 -8.61 -3.14 -15.87
C ILE A 8 -8.30 -1.64 -16.03
N LEU A 9 -8.45 -1.13 -17.25
CA LEU A 9 -8.22 0.29 -17.51
C LEU A 9 -9.38 1.09 -16.96
N GLU A 10 -9.19 1.63 -15.76
CA GLU A 10 -10.21 2.40 -15.09
C GLU A 10 -9.49 3.46 -14.26
N SER A 11 -9.69 4.73 -14.59
CA SER A 11 -8.98 5.81 -13.90
C SER A 11 -9.51 6.02 -12.50
N PRO A 12 -8.62 6.33 -11.55
CA PRO A 12 -7.17 6.48 -11.68
C PRO A 12 -6.44 5.22 -11.19
N TYR A 13 -7.11 4.07 -11.24
CA TYR A 13 -6.50 2.82 -10.78
C TYR A 13 -5.42 2.36 -11.74
N VAL A 14 -5.78 2.24 -13.01
CA VAL A 14 -4.82 1.92 -14.04
C VAL A 14 -5.11 2.78 -15.27
N MET A 15 -4.08 3.46 -15.76
CA MET A 15 -4.22 4.31 -16.94
C MET A 15 -2.99 4.15 -17.82
N MET A 16 -3.15 4.36 -19.12
CA MET A 16 -2.00 4.38 -20.00
C MET A 16 -1.19 5.63 -19.71
N LYS A 17 0.12 5.48 -19.59
CA LYS A 17 1.03 6.62 -19.50
C LYS A 17 1.00 7.40 -20.83
N LYS A 18 1.23 8.71 -20.78
CA LYS A 18 1.24 9.53 -21.99
C LYS A 18 2.15 8.99 -23.10
N ASN A 19 3.37 8.61 -22.75
CA ASN A 19 4.31 8.12 -23.77
C ASN A 19 4.36 6.60 -23.84
N HIS A 20 3.25 5.94 -23.52
CA HIS A 20 3.25 4.48 -23.38
C HIS A 20 3.79 3.76 -24.62
N GLU A 21 3.54 4.31 -25.81
CA GLU A 21 3.98 3.67 -27.05
C GLU A 21 5.50 3.49 -27.09
N MET A 22 6.19 4.31 -26.30
CA MET A 22 7.64 4.29 -26.24
C MET A 22 8.17 3.45 -25.08
N LEU A 23 7.26 2.88 -24.29
CA LEU A 23 7.65 2.15 -23.09
C LEU A 23 7.28 0.67 -23.23
N GLU A 24 7.80 -0.15 -22.33
CA GLU A 24 7.56 -1.58 -22.43
C GLU A 24 7.15 -2.21 -21.10
N GLY A 25 6.46 -3.34 -21.19
CA GLY A 25 6.04 -4.09 -20.02
C GLY A 25 5.28 -3.21 -19.05
N ASN A 26 5.58 -3.36 -17.76
CA ASN A 26 4.83 -2.70 -16.71
C ASN A 26 4.90 -1.16 -16.77
N GLU A 27 5.93 -0.64 -17.46
CA GLU A 27 6.20 0.80 -17.50
C GLU A 27 5.21 1.53 -18.38
N ARG A 28 4.38 0.78 -19.09
CA ARG A 28 3.35 1.39 -19.91
C ARG A 28 2.24 2.01 -19.07
N TYR A 29 2.09 1.54 -17.83
CA TYR A 29 0.90 1.88 -17.03
C TYR A 29 1.20 2.74 -15.82
N GLU A 30 0.20 3.47 -15.36
CA GLU A 30 0.33 4.22 -14.12
C GLU A 30 -1.00 4.24 -13.39
N GLY A 31 -0.97 4.50 -12.08
CA GLY A 31 -2.18 4.65 -11.32
C GLY A 31 -2.10 4.02 -9.93
N TYR A 32 -3.19 4.15 -9.19
CA TYR A 32 -3.26 3.62 -7.85
C TYR A 32 -2.94 2.12 -7.84
N CYS A 33 -3.52 1.34 -8.76
CA CYS A 33 -3.31 -0.11 -8.75
C CYS A 33 -1.92 -0.53 -9.27
N VAL A 34 -1.33 0.27 -10.15
CA VAL A 34 0.03 0.00 -10.61
C VAL A 34 0.97 0.17 -9.42
N ASP A 35 0.81 1.26 -8.69
CA ASP A 35 1.61 1.51 -7.48
C ASP A 35 1.40 0.41 -6.43
N LEU A 36 0.14 0.01 -6.24
CA LEU A 36 -0.17 -1.03 -5.26
C LEU A 36 0.46 -2.36 -5.64
N ALA A 37 0.38 -2.70 -6.94
CA ALA A 37 0.97 -3.94 -7.42
C ALA A 37 2.46 -4.01 -7.14
N ALA A 38 3.18 -2.92 -7.40
CA ALA A 38 4.61 -2.84 -7.09
C ALA A 38 4.90 -3.13 -5.63
N GLU A 39 4.11 -2.55 -4.73
CA GLU A 39 4.32 -2.76 -3.29
C GLU A 39 3.97 -4.20 -2.86
N ILE A 40 2.84 -4.70 -3.34
CA ILE A 40 2.44 -6.09 -3.07
C ILE A 40 3.53 -7.05 -3.50
N ALA A 41 4.03 -6.86 -4.73
CA ALA A 41 5.05 -7.73 -5.30
C ALA A 41 6.34 -7.69 -4.49
N LYS A 42 6.72 -6.50 -4.08
CA LYS A 42 7.94 -6.29 -3.30
C LYS A 42 7.84 -6.95 -1.93
N HIS A 43 6.68 -6.85 -1.31
CA HIS A 43 6.48 -7.43 0.01
C HIS A 43 6.28 -8.93 -0.03
N CYS A 44 5.79 -9.46 -1.14
CA CYS A 44 5.64 -10.92 -1.27
C CYS A 44 6.85 -11.54 -1.95
N GLY A 45 7.67 -10.70 -2.58
CA GLY A 45 8.87 -11.17 -3.25
C GLY A 45 8.63 -11.94 -4.53
N PHE A 46 7.85 -11.36 -5.44
CA PHE A 46 7.68 -11.97 -6.75
C PHE A 46 7.80 -10.95 -7.87
N LYS A 47 8.21 -11.44 -9.04
CA LYS A 47 8.23 -10.67 -10.27
C LYS A 47 6.86 -10.85 -10.89
N TYR A 48 6.39 -9.82 -11.61
CA TYR A 48 5.03 -9.82 -12.15
C TYR A 48 4.93 -9.11 -13.49
N LYS A 49 3.88 -9.46 -14.23
CA LYS A 49 3.56 -8.81 -15.48
C LYS A 49 2.12 -8.29 -15.42
N LEU A 50 1.95 -6.98 -15.59
CA LEU A 50 0.61 -6.40 -15.66
C LEU A 50 0.02 -6.67 -17.03
N THR A 51 -1.22 -7.17 -17.04
CA THR A 51 -1.94 -7.43 -18.28
C THR A 51 -3.35 -6.90 -18.11
N ILE A 52 -3.88 -6.29 -19.17
CA ILE A 52 -5.21 -5.71 -19.13
C ILE A 52 -6.24 -6.77 -19.52
N VAL A 53 -7.31 -6.89 -18.74
CA VAL A 53 -8.31 -7.93 -18.96
C VAL A 53 -8.93 -7.81 -20.36
N GLY A 54 -8.91 -8.91 -21.11
CA GLY A 54 -9.27 -8.92 -22.52
C GLY A 54 -10.63 -8.35 -22.87
N ASP A 55 -11.64 -8.70 -22.09
CA ASP A 55 -13.00 -8.26 -22.38
C ASP A 55 -13.40 -6.97 -21.67
N GLY A 56 -12.46 -6.38 -20.95
CA GLY A 56 -12.70 -5.10 -20.29
C GLY A 56 -13.72 -5.19 -19.19
N LYS A 57 -13.93 -6.39 -18.63
CA LYS A 57 -15.00 -6.54 -17.65
C LYS A 57 -14.49 -6.91 -16.27
N TYR A 58 -15.32 -6.66 -15.27
CA TYR A 58 -14.95 -6.93 -13.89
C TYR A 58 -15.12 -8.43 -13.58
N GLY A 59 -16.30 -8.96 -13.80
CA GLY A 59 -16.50 -10.37 -13.57
C GLY A 59 -17.92 -10.73 -13.22
N ALA A 60 -18.59 -11.40 -14.15
CA ALA A 60 -19.94 -11.91 -13.88
C ALA A 60 -20.09 -13.30 -14.49
N ARG A 61 -20.98 -14.08 -13.91
CA ARG A 61 -21.29 -15.42 -14.38
C ARG A 61 -22.50 -15.36 -15.32
N ASP A 62 -22.32 -15.74 -16.58
CA ASP A 62 -23.45 -15.74 -17.52
C ASP A 62 -24.49 -16.75 -17.07
N ALA A 63 -25.73 -16.29 -16.90
CA ALA A 63 -26.81 -17.15 -16.44
C ALA A 63 -27.03 -18.37 -17.34
N ASP A 64 -27.01 -18.16 -18.65
CA ASP A 64 -27.16 -19.25 -19.62
C ASP A 64 -25.97 -20.22 -19.63
N THR A 65 -24.81 -19.74 -20.08
CA THR A 65 -23.63 -20.60 -20.25
C THR A 65 -22.89 -20.91 -18.96
N LYS A 66 -23.17 -20.15 -17.90
CA LYS A 66 -22.53 -20.36 -16.60
C LYS A 66 -21.04 -20.00 -16.60
N ILE A 67 -20.59 -19.34 -17.66
CA ILE A 67 -19.18 -19.00 -17.79
C ILE A 67 -18.89 -17.66 -17.13
N TRP A 68 -17.78 -17.56 -16.40
CA TRP A 68 -17.37 -16.28 -15.81
C TRP A 68 -16.63 -15.42 -16.84
N ASN A 69 -17.00 -14.15 -16.96
CA ASN A 69 -16.24 -13.25 -17.81
C ASN A 69 -15.33 -12.36 -16.96
N GLY A 70 -14.62 -11.43 -17.59
CA GLY A 70 -13.89 -10.40 -16.87
C GLY A 70 -12.67 -10.87 -16.11
N MET A 71 -12.21 -10.08 -15.15
CA MET A 71 -11.05 -10.45 -14.36
C MET A 71 -11.31 -11.71 -13.54
N VAL A 72 -12.53 -11.88 -13.06
CA VAL A 72 -12.88 -13.05 -12.28
C VAL A 72 -12.69 -14.31 -13.13
N GLY A 73 -13.21 -14.28 -14.34
CA GLY A 73 -13.03 -15.38 -15.28
C GLY A 73 -11.57 -15.68 -15.58
N GLU A 74 -10.75 -14.64 -15.72
CA GLU A 74 -9.33 -14.89 -15.97
C GLU A 74 -8.69 -15.67 -14.82
N LEU A 75 -9.15 -15.43 -13.60
CA LEU A 75 -8.64 -16.19 -12.46
C LEU A 75 -9.24 -17.59 -12.40
N VAL A 76 -10.55 -17.68 -12.61
CA VAL A 76 -11.23 -18.97 -12.50
C VAL A 76 -10.73 -19.95 -13.55
N TYR A 77 -10.48 -19.46 -14.77
CA TYR A 77 -10.04 -20.33 -15.86
C TYR A 77 -8.52 -20.40 -16.02
N GLY A 78 -7.78 -19.78 -15.11
CA GLY A 78 -6.35 -19.98 -15.06
C GLY A 78 -5.54 -19.14 -16.02
N LYS A 79 -6.13 -18.04 -16.50
CA LYS A 79 -5.41 -17.15 -17.40
C LYS A 79 -4.57 -16.13 -16.63
N ALA A 80 -4.88 -15.91 -15.36
CA ALA A 80 -4.06 -15.02 -14.53
C ALA A 80 -3.89 -15.58 -13.13
N ASP A 81 -2.82 -15.14 -12.47
CA ASP A 81 -2.50 -15.61 -11.14
C ASP A 81 -3.10 -14.74 -10.05
N ILE A 82 -3.37 -13.48 -10.37
CA ILE A 82 -3.83 -12.52 -9.38
C ILE A 82 -4.51 -11.34 -10.06
N ALA A 83 -5.50 -10.75 -9.39
CA ALA A 83 -6.14 -9.57 -9.93
C ALA A 83 -5.91 -8.42 -8.95
N ILE A 84 -5.38 -7.32 -9.47
CA ILE A 84 -5.12 -6.14 -8.67
C ILE A 84 -5.84 -5.01 -9.36
N ALA A 85 -7.01 -4.67 -8.84
CA ALA A 85 -7.96 -3.81 -9.51
C ALA A 85 -9.06 -3.45 -8.51
N PRO A 86 -9.88 -2.43 -8.84
CA PRO A 86 -11.04 -2.04 -8.04
C PRO A 86 -12.15 -3.10 -8.19
N LEU A 87 -11.85 -4.29 -7.70
CA LEU A 87 -12.75 -5.42 -7.82
C LEU A 87 -13.52 -5.61 -6.52
N THR A 88 -14.84 -5.53 -6.59
CA THR A 88 -15.64 -5.56 -5.37
C THR A 88 -15.70 -6.95 -4.78
N ILE A 89 -15.48 -7.04 -3.47
CA ILE A 89 -15.64 -8.29 -2.72
C ILE A 89 -17.11 -8.58 -2.59
N THR A 90 -17.56 -9.68 -3.21
CA THR A 90 -18.97 -10.09 -3.13
C THR A 90 -19.07 -11.57 -2.82
N LEU A 91 -20.23 -11.98 -2.32
CA LEU A 91 -20.43 -13.35 -1.90
C LEU A 91 -20.27 -14.33 -3.06
N VAL A 92 -20.85 -14.03 -4.21
CA VAL A 92 -20.82 -15.00 -5.30
C VAL A 92 -19.42 -15.15 -5.85
N ARG A 93 -18.62 -14.09 -5.80
CA ARG A 93 -17.23 -14.19 -6.25
C ARG A 93 -16.39 -14.96 -5.24
N GLU A 94 -16.65 -14.73 -3.96
CA GLU A 94 -15.90 -15.37 -2.88
C GLU A 94 -16.10 -16.87 -2.94
N GLU A 95 -17.21 -17.32 -3.54
CA GLU A 95 -17.45 -18.74 -3.69
C GLU A 95 -16.54 -19.38 -4.75
N VAL A 96 -16.02 -18.58 -5.69
CA VAL A 96 -15.19 -19.13 -6.75
C VAL A 96 -13.74 -18.66 -6.77
N ILE A 97 -13.46 -17.50 -6.18
CA ILE A 97 -12.07 -17.02 -6.03
C ILE A 97 -11.82 -16.58 -4.60
N ASP A 98 -10.54 -16.36 -4.26
CA ASP A 98 -10.15 -15.85 -2.95
C ASP A 98 -9.90 -14.33 -2.99
N PHE A 99 -10.27 -13.64 -1.92
CA PHE A 99 -10.02 -12.20 -1.78
C PHE A 99 -9.19 -11.90 -0.52
N SER A 100 -8.24 -10.98 -0.64
CA SER A 100 -7.57 -10.41 0.52
C SER A 100 -8.57 -9.57 1.32
N LYS A 101 -8.24 -9.25 2.57
CA LYS A 101 -8.99 -8.22 3.26
C LYS A 101 -8.98 -6.98 2.37
N PRO A 102 -10.00 -6.11 2.49
CA PRO A 102 -10.15 -5.01 1.54
C PRO A 102 -9.00 -4.00 1.62
N PHE A 103 -8.57 -3.49 0.47
CA PHE A 103 -7.57 -2.43 0.49
C PHE A 103 -8.21 -1.03 0.39
N MET A 104 -9.51 -0.98 0.13
CA MET A 104 -10.21 0.30 0.02
C MET A 104 -11.66 0.09 0.33
N SER A 105 -12.28 1.03 1.04
CA SER A 105 -13.70 0.97 1.37
C SER A 105 -14.46 1.82 0.38
N LEU A 106 -15.74 1.49 0.19
CA LEU A 106 -16.58 2.28 -0.70
C LEU A 106 -18.04 1.89 -0.57
N GLY A 107 -18.89 2.65 -1.25
CA GLY A 107 -20.30 2.33 -1.32
C GLY A 107 -20.86 2.83 -2.62
N ILE A 108 -22.03 2.32 -3.01
CA ILE A 108 -22.71 2.85 -4.17
C ILE A 108 -23.14 4.26 -3.81
N SER A 109 -22.97 5.20 -4.73
CA SER A 109 -23.26 6.61 -4.49
C SER A 109 -23.91 7.22 -5.70
N ILE A 110 -24.45 8.42 -5.55
CA ILE A 110 -25.11 9.12 -6.65
C ILE A 110 -24.24 10.23 -7.22
N MET A 111 -24.05 10.22 -8.53
CA MET A 111 -23.39 11.32 -9.19
C MET A 111 -24.41 12.15 -9.93
N ILE A 112 -24.40 13.47 -9.71
CA ILE A 112 -25.27 14.37 -10.46
C ILE A 112 -24.50 15.46 -11.17
N LYS A 113 -25.09 16.02 -12.22
CA LYS A 113 -24.60 17.26 -12.78
C LYS A 113 -24.91 18.35 -11.75
N LYS A 114 -23.95 19.22 -11.47
CA LYS A 114 -24.17 20.23 -10.43
C LYS A 114 -25.50 20.94 -10.68
N GLY A 115 -26.30 21.07 -9.63
CA GLY A 115 -27.54 21.81 -9.73
C GLY A 115 -28.77 20.93 -9.94
N THR A 116 -28.55 19.64 -10.15
CA THR A 116 -29.67 18.72 -10.27
C THR A 116 -30.38 18.68 -8.93
N PRO A 117 -31.73 18.81 -8.94
CA PRO A 117 -32.52 18.79 -7.72
C PRO A 117 -32.70 17.37 -7.15
N ILE A 118 -31.61 16.75 -6.73
CA ILE A 118 -31.62 15.39 -6.19
C ILE A 118 -30.66 15.33 -5.01
N GLU A 119 -31.13 14.79 -3.88
CA GLU A 119 -30.30 14.70 -2.69
C GLU A 119 -30.15 13.27 -2.17
N SER A 120 -30.81 12.31 -2.80
CA SER A 120 -30.81 10.95 -2.24
C SER A 120 -31.47 9.93 -3.15
N ALA A 121 -31.26 8.65 -2.84
CA ALA A 121 -31.86 7.57 -3.60
C ALA A 121 -33.40 7.64 -3.52
N GLU A 122 -33.92 7.90 -2.33
CA GLU A 122 -35.36 8.10 -2.18
C GLU A 122 -35.85 9.16 -3.15
N ASP A 123 -35.16 10.30 -3.22
CA ASP A 123 -35.55 11.37 -4.13
C ASP A 123 -35.63 10.84 -5.55
N LEU A 124 -34.56 10.18 -5.98
CA LEU A 124 -34.54 9.54 -7.30
C LEU A 124 -35.74 8.61 -7.53
N SER A 125 -36.10 7.85 -6.52
CA SER A 125 -37.13 6.81 -6.67
C SER A 125 -38.55 7.37 -6.74
N LYS A 126 -38.72 8.64 -6.35
CA LYS A 126 -40.05 9.22 -6.24
C LYS A 126 -40.38 10.15 -7.39
N GLN A 127 -39.60 10.07 -8.48
CA GLN A 127 -39.77 10.99 -9.59
C GLN A 127 -39.31 10.32 -10.87
N THR A 128 -39.64 10.93 -12.01
CA THR A 128 -39.33 10.34 -13.31
C THR A 128 -38.71 11.33 -14.28
N GLU A 129 -38.75 12.62 -13.95
CA GLU A 129 -38.11 13.63 -14.77
C GLU A 129 -36.61 13.34 -14.99
N ILE A 130 -35.92 12.97 -13.91
CA ILE A 130 -34.49 12.67 -14.00
C ILE A 130 -34.24 11.16 -14.16
N ALA A 131 -33.62 10.78 -15.28
CA ALA A 131 -33.29 9.39 -15.54
C ALA A 131 -32.06 9.00 -14.72
N TYR A 132 -31.92 7.70 -14.42
CA TYR A 132 -30.74 7.23 -13.71
C TYR A 132 -30.44 5.78 -14.03
N GLY A 133 -29.16 5.45 -14.09
CA GLY A 133 -28.71 4.12 -14.39
C GLY A 133 -27.38 3.79 -13.74
N THR A 134 -26.85 2.62 -14.08
CA THR A 134 -25.62 2.13 -13.49
C THR A 134 -24.75 1.55 -14.60
N LEU A 135 -23.52 1.20 -14.27
CA LEU A 135 -22.67 0.45 -15.19
C LEU A 135 -23.45 -0.82 -15.54
N ASP A 136 -23.44 -1.21 -16.81
CA ASP A 136 -24.37 -2.24 -17.27
C ASP A 136 -23.96 -3.66 -16.86
N SER A 137 -22.78 -3.78 -16.25
CA SER A 137 -22.30 -5.03 -15.73
C SER A 137 -21.40 -4.75 -14.54
N GLY A 138 -21.59 -5.48 -13.45
CA GLY A 138 -20.77 -5.31 -12.28
C GLY A 138 -21.55 -5.40 -10.99
N SER A 139 -20.86 -5.15 -9.88
CA SER A 139 -21.49 -5.33 -8.58
C SER A 139 -22.58 -4.30 -8.27
N THR A 140 -22.47 -3.11 -8.84
CA THR A 140 -23.50 -2.09 -8.60
C THR A 140 -24.84 -2.51 -9.17
N LYS A 141 -24.86 -2.88 -10.45
CA LYS A 141 -26.08 -3.37 -11.09
C LYS A 141 -26.63 -4.57 -10.33
N GLU A 142 -25.77 -5.54 -10.04
CA GLU A 142 -26.19 -6.71 -9.25
C GLU A 142 -26.81 -6.31 -7.91
N PHE A 143 -26.27 -5.28 -7.27
CA PHE A 143 -26.83 -4.76 -6.03
C PHE A 143 -28.31 -4.47 -6.18
N PHE A 144 -28.65 -3.76 -7.25
CA PHE A 144 -30.04 -3.36 -7.45
C PHE A 144 -30.92 -4.54 -7.86
N ARG A 145 -30.43 -5.35 -8.79
CA ARG A 145 -31.18 -6.54 -9.21
C ARG A 145 -31.57 -7.39 -8.00
N ARG A 146 -30.67 -7.52 -7.04
CA ARG A 146 -30.88 -8.42 -5.90
C ARG A 146 -31.57 -7.80 -4.69
N SER A 147 -31.52 -6.47 -4.57
CA SER A 147 -32.00 -5.82 -3.35
C SER A 147 -33.47 -6.08 -3.07
N LYS A 148 -33.78 -6.32 -1.79
CA LYS A 148 -35.13 -6.55 -1.32
C LYS A 148 -35.63 -5.33 -0.55
N ILE A 149 -34.78 -4.30 -0.48
CA ILE A 149 -35.14 -3.04 0.16
C ILE A 149 -36.04 -2.22 -0.78
N ALA A 150 -37.17 -1.76 -0.26
CA ALA A 150 -38.23 -1.16 -1.07
C ALA A 150 -37.72 -0.10 -2.05
N VAL A 151 -36.96 0.87 -1.53
CA VAL A 151 -36.46 1.95 -2.36
C VAL A 151 -35.55 1.46 -3.49
N PHE A 152 -34.62 0.56 -3.17
CA PHE A 152 -33.67 0.09 -4.18
C PHE A 152 -34.32 -0.83 -5.20
N ASP A 153 -35.29 -1.61 -4.76
CA ASP A 153 -36.03 -2.45 -5.68
C ASP A 153 -36.94 -1.60 -6.58
N LYS A 154 -37.54 -0.55 -6.01
CA LYS A 154 -38.33 0.39 -6.81
C LYS A 154 -37.44 0.98 -7.90
N MET A 155 -36.22 1.38 -7.52
CA MET A 155 -35.26 1.90 -8.49
C MET A 155 -34.90 0.85 -9.55
N TRP A 156 -34.70 -0.40 -9.12
CA TRP A 156 -34.33 -1.45 -10.06
C TRP A 156 -35.48 -1.67 -11.04
N THR A 157 -36.69 -1.70 -10.50
CA THR A 157 -37.87 -1.90 -11.32
C THR A 157 -37.97 -0.82 -12.39
N TYR A 158 -37.65 0.41 -12.01
CA TYR A 158 -37.61 1.48 -13.00
C TYR A 158 -36.47 1.24 -14.00
N MET A 159 -35.28 0.93 -13.51
CA MET A 159 -34.08 0.86 -14.37
C MET A 159 -34.07 -0.29 -15.37
N ARG A 160 -34.56 -1.46 -14.96
CA ARG A 160 -34.57 -2.62 -15.85
C ARG A 160 -35.49 -2.36 -17.06
N SER A 161 -36.57 -1.63 -16.81
CA SER A 161 -37.58 -1.40 -17.84
C SER A 161 -37.47 -0.05 -18.54
N ALA A 162 -36.59 0.83 -18.07
CA ALA A 162 -36.43 2.14 -18.70
C ALA A 162 -35.99 2.02 -20.15
N GLU A 163 -36.49 2.90 -21.00
CA GLU A 163 -36.06 2.94 -22.40
C GLU A 163 -36.03 4.38 -22.91
N PRO A 164 -34.96 4.74 -23.62
CA PRO A 164 -33.81 3.90 -23.94
C PRO A 164 -33.14 3.37 -22.66
N SER A 165 -32.17 2.50 -22.82
CA SER A 165 -31.50 1.91 -21.66
C SER A 165 -30.81 2.99 -20.83
N VAL A 166 -30.96 2.89 -19.51
CA VAL A 166 -30.32 3.83 -18.60
C VAL A 166 -28.96 3.31 -18.18
N PHE A 167 -28.62 2.10 -18.64
CA PHE A 167 -27.34 1.46 -18.32
C PHE A 167 -26.26 1.86 -19.30
N VAL A 168 -25.01 1.84 -18.84
CA VAL A 168 -23.88 2.26 -19.68
C VAL A 168 -22.79 1.18 -19.67
N ARG A 169 -21.91 1.20 -20.67
CA ARG A 169 -20.89 0.17 -20.80
C ARG A 169 -19.62 0.44 -19.99
N THR A 170 -19.36 1.72 -19.72
CA THR A 170 -18.13 2.14 -19.06
C THR A 170 -18.40 3.32 -18.14
N THR A 171 -17.56 3.47 -17.11
CA THR A 171 -17.64 4.65 -16.25
C THR A 171 -17.60 5.95 -17.07
N ALA A 172 -16.59 6.06 -17.94
CA ALA A 172 -16.50 7.19 -18.86
C ALA A 172 -17.82 7.50 -19.56
N GLU A 173 -18.48 6.47 -20.08
CA GLU A 173 -19.75 6.64 -20.75
C GLU A 173 -20.82 7.20 -19.82
N GLY A 174 -20.87 6.68 -18.59
CA GLY A 174 -21.81 7.19 -17.62
C GLY A 174 -21.57 8.65 -17.29
N VAL A 175 -20.32 9.00 -17.05
CA VAL A 175 -19.98 10.37 -16.69
C VAL A 175 -20.31 11.32 -17.81
N ALA A 176 -19.93 10.96 -19.03
CA ALA A 176 -20.22 11.80 -20.18
C ALA A 176 -21.72 12.00 -20.31
N ARG A 177 -22.50 10.97 -19.97
CA ARG A 177 -23.94 11.08 -20.09
C ARG A 177 -24.51 12.06 -19.05
N VAL A 178 -23.95 12.02 -17.84
CA VAL A 178 -24.34 12.95 -16.79
C VAL A 178 -24.08 14.38 -17.29
N ARG A 179 -22.86 14.60 -17.77
CA ARG A 179 -22.40 15.92 -18.15
C ARG A 179 -23.17 16.48 -19.34
N LYS A 180 -23.66 15.59 -20.21
CA LYS A 180 -24.31 16.05 -21.43
C LYS A 180 -25.84 16.17 -21.30
N SER A 181 -26.40 15.59 -20.25
CA SER A 181 -27.86 15.46 -20.18
C SER A 181 -28.55 16.62 -19.44
N LYS A 182 -27.79 17.68 -19.19
CA LYS A 182 -28.38 18.91 -18.65
C LYS A 182 -29.19 18.67 -17.39
N GLY A 183 -28.71 17.74 -16.57
CA GLY A 183 -29.34 17.48 -15.28
C GLY A 183 -30.45 16.45 -15.34
N LYS A 184 -30.65 15.85 -16.51
CA LYS A 184 -31.76 14.91 -16.65
C LYS A 184 -31.32 13.45 -16.54
N TYR A 185 -30.04 13.23 -16.26
CA TYR A 185 -29.52 11.89 -15.98
C TYR A 185 -28.60 11.89 -14.75
N ALA A 186 -28.93 11.09 -13.76
CA ALA A 186 -28.06 10.87 -12.61
C ALA A 186 -27.41 9.49 -12.75
N TYR A 187 -26.19 9.35 -12.25
CA TYR A 187 -25.45 8.11 -12.44
C TYR A 187 -25.14 7.46 -11.09
N LEU A 188 -25.53 6.20 -10.94
CA LEU A 188 -25.24 5.45 -9.73
C LEU A 188 -23.94 4.69 -9.90
N LEU A 189 -22.95 4.97 -9.05
CA LEU A 189 -21.64 4.39 -9.24
C LEU A 189 -20.88 4.31 -7.93
N GLU A 190 -19.76 3.59 -7.92
CA GLU A 190 -19.02 3.42 -6.68
C GLU A 190 -18.43 4.75 -6.22
N SER A 191 -18.44 4.97 -4.91
CA SER A 191 -18.11 6.28 -4.32
C SER A 191 -16.71 6.76 -4.64
N THR A 192 -15.77 5.82 -4.71
CA THR A 192 -14.38 6.13 -5.01
C THR A 192 -14.25 6.74 -6.40
N MET A 193 -14.99 6.19 -7.34
CA MET A 193 -14.99 6.73 -8.70
C MET A 193 -15.64 8.10 -8.72
N ASN A 194 -16.78 8.19 -8.04
CA ASN A 194 -17.54 9.44 -7.92
C ASN A 194 -16.61 10.54 -7.38
N GLU A 195 -15.88 10.22 -6.31
CA GLU A 195 -14.97 11.16 -5.66
C GLU A 195 -13.84 11.58 -6.58
N TYR A 196 -13.33 10.62 -7.36
CA TYR A 196 -12.27 10.92 -8.30
C TYR A 196 -12.75 11.92 -9.35
N ILE A 197 -13.93 11.65 -9.93
CA ILE A 197 -14.49 12.48 -11.01
C ILE A 197 -14.85 13.90 -10.53
N GLU A 198 -15.26 14.01 -9.27
CA GLU A 198 -15.62 15.33 -8.73
C GLU A 198 -14.42 16.27 -8.73
N GLN A 199 -13.20 15.72 -8.70
CA GLN A 199 -11.99 16.56 -8.73
C GLN A 199 -11.39 16.66 -10.13
N ARG A 200 -12.15 16.28 -11.16
CA ARG A 200 -11.67 16.39 -12.54
C ARG A 200 -12.39 17.51 -13.28
N LYS A 201 -11.66 18.26 -14.11
CA LYS A 201 -12.29 19.22 -15.01
C LYS A 201 -13.24 18.45 -15.91
N PRO A 202 -14.36 19.08 -16.29
CA PRO A 202 -14.68 20.50 -16.07
C PRO A 202 -15.33 20.77 -14.71
N CYS A 203 -15.19 19.87 -13.75
CA CYS A 203 -15.68 20.15 -12.41
C CYS A 203 -17.18 20.44 -12.38
N ASP A 204 -17.95 19.70 -13.17
CA ASP A 204 -19.38 19.95 -13.27
C ASP A 204 -20.24 18.84 -12.67
N THR A 205 -19.61 17.92 -11.93
CA THR A 205 -20.37 16.85 -11.31
C THR A 205 -20.14 16.86 -9.81
N MET A 206 -21.03 16.21 -9.07
CA MET A 206 -20.75 15.99 -7.66
C MET A 206 -21.44 14.77 -7.11
N LYS A 207 -20.91 14.28 -6.00
CA LYS A 207 -21.51 13.19 -5.27
C LYS A 207 -22.52 13.79 -4.32
N VAL A 208 -23.78 13.32 -4.36
CA VAL A 208 -24.75 13.77 -3.38
C VAL A 208 -25.31 12.64 -2.54
N GLY A 209 -25.58 12.95 -1.28
CA GLY A 209 -26.20 12.00 -0.38
C GLY A 209 -25.22 11.04 0.25
N GLY A 210 -25.73 10.18 1.12
CA GLY A 210 -24.91 9.15 1.73
C GLY A 210 -24.72 8.02 0.74
N ASN A 211 -23.88 7.06 1.09
CA ASN A 211 -23.71 5.89 0.26
C ASN A 211 -24.89 4.96 0.49
N LEU A 212 -25.26 4.20 -0.53
CA LEU A 212 -26.39 3.28 -0.46
C LEU A 212 -26.00 1.99 0.27
N ASP A 213 -24.73 1.62 0.20
CA ASP A 213 -24.25 0.44 0.90
C ASP A 213 -22.79 0.61 1.26
N SER A 214 -22.21 -0.46 1.80
CA SER A 214 -20.82 -0.43 2.23
C SER A 214 -20.15 -1.73 1.85
N LYS A 215 -18.97 -1.63 1.27
CA LYS A 215 -18.23 -2.80 0.87
C LYS A 215 -16.78 -2.45 0.60
N GLY A 216 -16.02 -3.38 0.03
CA GLY A 216 -14.61 -3.12 -0.18
C GLY A 216 -14.06 -3.76 -1.43
N TYR A 217 -12.95 -3.23 -1.92
CA TYR A 217 -12.21 -3.86 -2.99
C TYR A 217 -11.16 -4.77 -2.36
N GLY A 218 -10.94 -5.93 -2.97
CA GLY A 218 -9.95 -6.86 -2.46
C GLY A 218 -9.09 -7.32 -3.61
N ILE A 219 -7.87 -7.74 -3.29
CA ILE A 219 -7.00 -8.34 -4.30
C ILE A 219 -7.42 -9.80 -4.39
N ALA A 220 -7.60 -10.29 -5.62
CA ALA A 220 -8.17 -11.61 -5.81
C ALA A 220 -7.15 -12.58 -6.38
N THR A 221 -7.26 -13.84 -5.95
CA THR A 221 -6.43 -14.93 -6.45
C THR A 221 -7.31 -16.17 -6.65
N PRO A 222 -6.85 -17.13 -7.48
CA PRO A 222 -7.63 -18.35 -7.69
C PRO A 222 -7.82 -19.08 -6.38
N LYS A 223 -8.96 -19.73 -6.18
CA LYS A 223 -9.13 -20.48 -4.93
C LYS A 223 -8.00 -21.47 -4.69
N GLY A 224 -7.49 -21.47 -3.47
CA GLY A 224 -6.44 -22.40 -3.10
C GLY A 224 -5.04 -21.99 -3.51
N SER A 225 -4.90 -20.87 -4.21
CA SER A 225 -3.59 -20.42 -4.63
C SER A 225 -2.70 -20.09 -3.44
N SER A 226 -1.41 -20.37 -3.57
CA SER A 226 -0.44 -20.09 -2.51
C SER A 226 -0.06 -18.60 -2.38
N LEU A 227 -0.48 -17.77 -3.34
CA LEU A 227 -0.27 -16.32 -3.22
C LEU A 227 -1.23 -15.69 -2.23
N GLY A 228 -2.36 -16.36 -2.01
CA GLY A 228 -3.43 -15.80 -1.19
C GLY A 228 -2.96 -15.33 0.17
N THR A 229 -2.27 -16.20 0.89
CA THR A 229 -1.84 -15.86 2.25
C THR A 229 -0.86 -14.67 2.29
N PRO A 230 0.27 -14.74 1.56
CA PRO A 230 1.23 -13.64 1.56
C PRO A 230 0.60 -12.32 1.10
N VAL A 231 -0.28 -12.40 0.13
CA VAL A 231 -0.88 -11.20 -0.43
C VAL A 231 -1.78 -10.49 0.60
N ASN A 232 -2.57 -11.29 1.29
CA ASN A 232 -3.43 -10.77 2.37
C ASN A 232 -2.60 -10.09 3.45
N LEU A 233 -1.48 -10.70 3.82
CA LEU A 233 -0.64 -10.15 4.87
C LEU A 233 -0.03 -8.86 4.38
N ALA A 234 0.31 -8.81 3.10
CA ALA A 234 0.90 -7.61 2.52
C ALA A 234 -0.10 -6.48 2.50
N VAL A 235 -1.35 -6.77 2.16
CA VAL A 235 -2.40 -5.75 2.20
C VAL A 235 -2.53 -5.15 3.61
N LEU A 236 -2.63 -6.01 4.62
CA LEU A 236 -2.74 -5.50 5.99
C LEU A 236 -1.51 -4.67 6.40
N LYS A 237 -0.31 -5.14 6.03
CA LYS A 237 0.89 -4.36 6.31
C LYS A 237 0.85 -2.98 5.64
N LEU A 238 0.44 -2.93 4.37
CA LEU A 238 0.34 -1.65 3.67
C LEU A 238 -0.73 -0.75 4.28
N SER A 239 -1.81 -1.36 4.74
CA SER A 239 -2.87 -0.61 5.40
C SER A 239 -2.30 0.05 6.66
N GLU A 240 -1.68 -0.77 7.50
CA GLU A 240 -1.18 -0.31 8.80
C GLU A 240 -0.03 0.67 8.71
N GLN A 241 0.80 0.55 7.66
CA GLN A 241 1.93 1.46 7.52
C GLN A 241 1.56 2.71 6.75
N GLY A 242 0.26 2.91 6.54
CA GLY A 242 -0.24 4.11 5.90
C GLY A 242 -0.12 4.23 4.39
N VAL A 243 0.29 3.15 3.71
CA VAL A 243 0.54 3.23 2.27
C VAL A 243 -0.74 3.40 1.44
N LEU A 244 -1.79 2.71 1.82
CA LEU A 244 -3.06 2.82 1.12
C LEU A 244 -3.61 4.24 1.18
N ASP A 245 -3.46 4.91 2.32
CA ASP A 245 -3.89 6.30 2.47
C ASP A 245 -3.05 7.25 1.63
N LYS A 246 -1.74 7.03 1.62
CA LYS A 246 -0.83 7.82 0.81
C LYS A 246 -1.25 7.73 -0.65
N LEU A 247 -1.48 6.49 -1.12
CA LEU A 247 -1.82 6.24 -2.52
C LEU A 247 -3.16 6.85 -2.92
N LYS A 248 -4.17 6.74 -2.07
CA LYS A 248 -5.45 7.36 -2.36
C LYS A 248 -5.27 8.88 -2.52
N ASN A 249 -4.55 9.49 -1.60
CA ASN A 249 -4.31 10.93 -1.67
C ASN A 249 -3.54 11.35 -2.92
N LYS A 250 -2.51 10.58 -3.26
CA LYS A 250 -1.70 10.86 -4.43
C LYS A 250 -2.54 10.86 -5.71
N TRP A 251 -3.41 9.87 -5.85
CA TRP A 251 -4.14 9.70 -7.09
C TRP A 251 -5.50 10.41 -7.17
N TRP A 252 -6.05 10.77 -6.02
CA TRP A 252 -7.36 11.43 -5.99
C TRP A 252 -7.26 12.93 -5.80
N TYR A 253 -6.47 13.35 -4.81
CA TYR A 253 -6.53 14.72 -4.33
C TYR A 253 -5.32 15.56 -4.67
N ASP A 254 -4.13 14.97 -4.62
CA ASP A 254 -2.92 15.68 -5.01
C ASP A 254 -3.00 16.08 -6.47
N LYS A 255 -3.73 15.29 -7.25
CA LYS A 255 -3.92 15.58 -8.67
C LYS A 255 -5.19 16.39 -8.92
N GLY A 256 -5.89 16.72 -7.83
CA GLY A 256 -7.17 17.40 -7.91
C GLY A 256 -7.16 18.66 -8.77
N GLU A 257 -8.13 18.77 -9.67
CA GLU A 257 -8.19 19.89 -10.62
C GLU A 257 -9.29 20.91 -10.29
N CYS A 258 -10.03 20.70 -9.21
CA CYS A 258 -11.20 21.53 -8.92
C CYS A 258 -11.13 22.28 -7.57
N LYS B 1 -22.17 -30.32 19.10
CA LYS B 1 -21.22 -29.52 19.85
C LYS B 1 -21.68 -28.06 19.91
N THR B 2 -21.84 -27.54 21.12
CA THR B 2 -22.20 -26.14 21.29
C THR B 2 -20.95 -25.30 21.06
N VAL B 3 -21.06 -24.27 20.24
CA VAL B 3 -19.88 -23.45 19.93
C VAL B 3 -19.64 -22.43 21.02
N VAL B 4 -18.42 -22.37 21.54
CA VAL B 4 -18.10 -21.40 22.57
C VAL B 4 -17.66 -20.10 21.92
N VAL B 5 -18.43 -19.04 22.13
CA VAL B 5 -18.16 -17.74 21.56
C VAL B 5 -17.53 -16.84 22.61
N THR B 6 -16.38 -16.27 22.30
CA THR B 6 -15.76 -15.34 23.24
C THR B 6 -16.09 -13.92 22.80
N THR B 7 -16.45 -13.09 23.76
CA THR B 7 -16.79 -11.72 23.42
C THR B 7 -16.41 -10.83 24.59
N ILE B 8 -16.78 -9.56 24.52
CA ILE B 8 -16.31 -8.60 25.50
C ILE B 8 -17.43 -7.58 25.78
N LEU B 9 -17.54 -7.10 27.02
CA LEU B 9 -18.57 -6.11 27.36
C LEU B 9 -18.10 -4.76 26.86
N GLU B 10 -18.76 -4.27 25.83
CA GLU B 10 -18.38 -3.04 25.16
C GLU B 10 -19.63 -2.56 24.44
N SER B 11 -20.18 -1.41 24.84
CA SER B 11 -21.42 -0.91 24.24
C SER B 11 -21.17 -0.26 22.87
N PRO B 12 -22.12 -0.40 21.93
CA PRO B 12 -23.37 -1.14 22.05
C PRO B 12 -23.21 -2.52 21.42
N TYR B 13 -21.99 -3.05 21.45
CA TYR B 13 -21.73 -4.35 20.81
C TYR B 13 -22.27 -5.48 21.68
N VAL B 14 -21.84 -5.50 22.94
CA VAL B 14 -22.35 -6.47 23.91
C VAL B 14 -22.54 -5.78 25.26
N MET B 15 -23.77 -5.80 25.73
CA MET B 15 -24.14 -5.16 26.99
C MET B 15 -25.03 -6.09 27.79
N MET B 16 -24.96 -5.99 29.11
CA MET B 16 -25.91 -6.70 29.96
C MET B 16 -27.27 -6.04 29.79
N LYS B 17 -28.30 -6.87 29.68
CA LYS B 17 -29.67 -6.38 29.54
C LYS B 17 -30.11 -5.75 30.85
N LYS B 18 -30.99 -4.75 30.77
CA LYS B 18 -31.58 -4.12 31.96
C LYS B 18 -31.89 -5.12 33.08
N ASN B 19 -32.64 -6.18 32.77
CA ASN B 19 -33.06 -7.14 33.78
C ASN B 19 -32.34 -8.47 33.69
N HIS B 20 -31.03 -8.43 33.45
CA HIS B 20 -30.27 -9.65 33.21
C HIS B 20 -30.25 -10.62 34.39
N GLU B 21 -30.39 -10.11 35.60
CA GLU B 21 -30.30 -10.96 36.80
C GLU B 21 -31.39 -12.03 36.86
N MET B 22 -32.49 -11.80 36.16
CA MET B 22 -33.58 -12.77 36.10
C MET B 22 -33.52 -13.56 34.80
N LEU B 23 -32.45 -13.36 34.04
CA LEU B 23 -32.28 -14.06 32.78
C LEU B 23 -31.09 -15.02 32.87
N GLU B 24 -31.02 -15.95 31.93
CA GLU B 24 -30.00 -16.99 31.94
C GLU B 24 -29.30 -17.09 30.59
N GLY B 25 -28.07 -17.58 30.59
CA GLY B 25 -27.32 -17.84 29.37
C GLY B 25 -27.24 -16.64 28.43
N ASN B 26 -27.39 -16.93 27.14
CA ASN B 26 -27.25 -15.90 26.11
C ASN B 26 -28.23 -14.76 26.32
N GLU B 27 -29.37 -15.07 26.93
CA GLU B 27 -30.45 -14.11 27.14
C GLU B 27 -30.07 -12.92 28.02
N ARG B 28 -28.94 -13.01 28.71
CA ARG B 28 -28.54 -11.91 29.60
C ARG B 28 -28.00 -10.72 28.83
N TYR B 29 -27.67 -10.94 27.56
CA TYR B 29 -26.91 -9.96 26.79
C TYR B 29 -27.71 -9.42 25.62
N GLU B 30 -27.42 -8.18 25.26
CA GLU B 30 -28.01 -7.61 24.07
C GLU B 30 -26.94 -6.73 23.43
N GLY B 31 -27.16 -6.33 22.18
CA GLY B 31 -26.19 -5.51 21.48
C GLY B 31 -26.00 -5.94 20.04
N TYR B 32 -25.25 -5.13 19.29
CA TYR B 32 -24.99 -5.39 17.88
C TYR B 32 -24.38 -6.79 17.66
N CYS B 33 -23.35 -7.11 18.42
CA CYS B 33 -22.68 -8.41 18.30
C CYS B 33 -23.54 -9.57 18.84
N VAL B 34 -24.35 -9.31 19.85
CA VAL B 34 -25.29 -10.33 20.29
C VAL B 34 -26.22 -10.69 19.13
N ASP B 35 -26.73 -9.68 18.42
CA ASP B 35 -27.58 -9.92 17.24
C ASP B 35 -26.81 -10.56 16.10
N LEU B 36 -25.57 -10.12 15.90
CA LEU B 36 -24.75 -10.66 14.84
C LEU B 36 -24.49 -12.14 15.12
N ALA B 37 -24.21 -12.45 16.38
CA ALA B 37 -23.96 -13.83 16.78
C ALA B 37 -25.15 -14.73 16.41
N ALA B 38 -26.37 -14.26 16.69
CA ALA B 38 -27.57 -15.03 16.41
C ALA B 38 -27.75 -15.25 14.92
N GLU B 39 -27.48 -14.22 14.12
CA GLU B 39 -27.53 -14.36 12.67
C GLU B 39 -26.47 -15.33 12.12
N ILE B 40 -25.24 -15.17 12.58
CA ILE B 40 -24.15 -16.02 12.11
C ILE B 40 -24.49 -17.48 12.42
N ALA B 41 -24.96 -17.72 13.65
CA ALA B 41 -25.27 -19.07 14.10
C ALA B 41 -26.43 -19.66 13.29
N LYS B 42 -27.40 -18.81 12.96
CA LYS B 42 -28.52 -19.25 12.13
C LYS B 42 -28.05 -19.68 10.74
N HIS B 43 -27.21 -18.86 10.11
CA HIS B 43 -26.78 -19.14 8.74
C HIS B 43 -25.73 -20.25 8.61
N CYS B 44 -24.95 -20.47 9.67
CA CYS B 44 -23.94 -21.51 9.67
C CYS B 44 -24.47 -22.76 10.34
N GLY B 45 -25.64 -22.63 10.96
CA GLY B 45 -26.31 -23.77 11.58
C GLY B 45 -25.60 -24.36 12.77
N PHE B 46 -25.27 -23.53 13.75
CA PHE B 46 -24.76 -24.06 15.02
C PHE B 46 -25.45 -23.47 16.23
N LYS B 47 -25.35 -24.16 17.35
CA LYS B 47 -25.80 -23.64 18.64
C LYS B 47 -24.57 -23.12 19.36
N TYR B 48 -24.73 -22.12 20.23
CA TYR B 48 -23.58 -21.45 20.82
C TYR B 48 -23.83 -20.94 22.22
N LYS B 49 -22.76 -20.72 22.96
CA LYS B 49 -22.84 -20.03 24.24
C LYS B 49 -21.93 -18.82 24.24
N LEU B 50 -22.51 -17.68 24.57
CA LEU B 50 -21.73 -16.46 24.69
C LEU B 50 -21.03 -16.48 26.04
N THR B 51 -19.73 -16.21 26.03
CA THR B 51 -18.95 -16.09 27.28
C THR B 51 -18.09 -14.82 27.23
N ILE B 52 -18.10 -14.06 28.32
CA ILE B 52 -17.29 -12.86 28.37
C ILE B 52 -15.84 -13.20 28.67
N VAL B 53 -14.94 -12.71 27.82
CA VAL B 53 -13.51 -12.93 27.97
C VAL B 53 -13.05 -12.65 29.41
N GLY B 54 -12.37 -13.61 30.00
CA GLY B 54 -12.00 -13.57 31.40
C GLY B 54 -11.21 -12.35 31.82
N ASP B 55 -10.16 -12.00 31.06
CA ASP B 55 -9.32 -10.87 31.43
C ASP B 55 -9.84 -9.53 30.90
N GLY B 56 -10.96 -9.56 30.20
CA GLY B 56 -11.59 -8.36 29.69
C GLY B 56 -10.77 -7.60 28.67
N LYS B 57 -9.87 -8.28 27.97
CA LYS B 57 -9.00 -7.63 26.98
C LYS B 57 -9.27 -8.12 25.56
N TYR B 58 -8.86 -7.32 24.59
CA TYR B 58 -9.07 -7.67 23.19
C TYR B 58 -8.02 -8.70 22.76
N GLY B 59 -6.76 -8.38 23.01
CA GLY B 59 -5.72 -9.34 22.73
C GLY B 59 -4.43 -8.72 22.27
N ALA B 60 -3.39 -8.98 23.05
CA ALA B 60 -2.05 -8.54 22.70
C ALA B 60 -1.09 -9.66 23.10
N ARG B 61 0.07 -9.68 22.46
CA ARG B 61 1.06 -10.70 22.73
C ARG B 61 2.11 -10.08 23.66
N ASP B 62 2.35 -10.75 24.77
CA ASP B 62 3.34 -10.31 25.75
C ASP B 62 4.76 -10.37 25.18
N ALA B 63 5.44 -9.22 25.15
CA ALA B 63 6.79 -9.13 24.59
C ALA B 63 7.78 -10.17 25.16
N ASP B 64 7.76 -10.38 26.46
CA ASP B 64 8.73 -11.29 27.10
C ASP B 64 8.37 -12.76 26.93
N THR B 65 7.13 -13.11 27.26
CA THR B 65 6.69 -14.50 27.22
C THR B 65 6.14 -14.92 25.86
N LYS B 66 5.69 -13.93 25.08
CA LYS B 66 5.07 -14.18 23.78
C LYS B 66 3.73 -14.91 23.90
N ILE B 67 3.14 -14.85 25.09
CA ILE B 67 1.81 -15.41 25.29
C ILE B 67 0.74 -14.37 24.94
N TRP B 68 -0.27 -14.82 24.23
CA TRP B 68 -1.40 -13.97 23.85
C TRP B 68 -2.44 -13.91 24.97
N ASN B 69 -2.91 -12.70 25.29
CA ASN B 69 -4.00 -12.56 26.25
C ASN B 69 -5.30 -12.23 25.52
N GLY B 70 -6.37 -12.03 26.28
CA GLY B 70 -7.61 -11.51 25.74
C GLY B 70 -8.36 -12.48 24.85
N MET B 71 -9.25 -11.96 24.01
CA MET B 71 -10.04 -12.83 23.13
C MET B 71 -9.12 -13.60 22.18
N VAL B 72 -8.08 -12.94 21.71
CA VAL B 72 -7.13 -13.60 20.81
C VAL B 72 -6.52 -14.83 21.47
N GLY B 73 -6.07 -14.66 22.70
CA GLY B 73 -5.51 -15.77 23.46
C GLY B 73 -6.49 -16.90 23.67
N GLU B 74 -7.76 -16.58 23.88
CA GLU B 74 -8.74 -17.65 24.03
C GLU B 74 -8.89 -18.49 22.77
N LEU B 75 -8.72 -17.87 21.60
CA LEU B 75 -8.75 -18.62 20.35
C LEU B 75 -7.47 -19.41 20.13
N VAL B 76 -6.35 -18.75 20.37
CA VAL B 76 -5.04 -19.33 20.19
C VAL B 76 -4.83 -20.57 21.06
N TYR B 77 -5.28 -20.50 22.32
CA TYR B 77 -5.03 -21.60 23.25
C TYR B 77 -6.19 -22.60 23.34
N GLY B 78 -7.21 -22.40 22.51
CA GLY B 78 -8.29 -23.36 22.39
C GLY B 78 -9.34 -23.28 23.49
N LYS B 79 -9.51 -22.10 24.07
CA LYS B 79 -10.53 -21.90 25.11
C LYS B 79 -11.88 -21.49 24.51
N ALA B 80 -11.88 -21.04 23.26
CA ALA B 80 -13.12 -20.61 22.62
C ALA B 80 -13.02 -21.01 21.16
N ASP B 81 -14.17 -21.17 20.52
CA ASP B 81 -14.21 -21.61 19.13
C ASP B 81 -14.30 -20.44 18.14
N ILE B 82 -14.78 -19.30 18.62
CA ILE B 82 -14.99 -18.16 17.74
C ILE B 82 -15.10 -16.89 18.59
N ALA B 83 -14.64 -15.76 18.07
CA ALA B 83 -14.82 -14.50 18.76
C ALA B 83 -15.72 -13.60 17.94
N ILE B 84 -16.79 -13.12 18.55
CA ILE B 84 -17.73 -12.22 17.91
C ILE B 84 -17.76 -10.96 18.74
N ALA B 85 -17.01 -9.97 18.28
CA ALA B 85 -16.73 -8.77 19.05
C ALA B 85 -16.18 -7.68 18.14
N PRO B 86 -16.13 -6.45 18.64
CA PRO B 86 -15.47 -5.37 17.89
C PRO B 86 -13.95 -5.60 17.85
N LEU B 87 -13.54 -6.68 17.18
CA LEU B 87 -12.15 -7.12 17.21
C LEU B 87 -11.45 -6.68 15.93
N THR B 88 -10.44 -5.85 16.08
CA THR B 88 -9.81 -5.22 14.92
C THR B 88 -8.95 -6.20 14.14
N ILE B 89 -9.17 -6.25 12.83
CA ILE B 89 -8.35 -7.03 11.94
C ILE B 89 -6.99 -6.37 11.79
N THR B 90 -5.95 -7.06 12.27
CA THR B 90 -4.57 -6.55 12.21
C THR B 90 -3.62 -7.62 11.68
N LEU B 91 -2.45 -7.19 11.21
CA LEU B 91 -1.45 -8.09 10.66
C LEU B 91 -0.92 -9.08 11.70
N VAL B 92 -0.54 -8.60 12.88
CA VAL B 92 0.03 -9.49 13.89
C VAL B 92 -0.97 -10.54 14.32
N ARG B 93 -2.26 -10.19 14.32
CA ARG B 93 -3.30 -11.16 14.66
C ARG B 93 -3.57 -12.15 13.53
N GLU B 94 -3.59 -11.64 12.30
CA GLU B 94 -3.86 -12.48 11.13
C GLU B 94 -2.82 -13.59 11.02
N GLU B 95 -1.67 -13.37 11.65
CA GLU B 95 -0.62 -14.37 11.70
C GLU B 95 -0.92 -15.55 12.63
N VAL B 96 -1.76 -15.34 13.64
CA VAL B 96 -2.07 -16.42 14.60
C VAL B 96 -3.53 -16.87 14.61
N ILE B 97 -4.43 -16.05 14.07
CA ILE B 97 -5.83 -16.44 13.96
C ILE B 97 -6.40 -16.07 12.58
N ASP B 98 -7.60 -16.56 12.29
CA ASP B 98 -8.29 -16.26 11.03
C ASP B 98 -9.35 -15.18 11.28
N PHE B 99 -9.48 -14.25 10.34
CA PHE B 99 -10.54 -13.25 10.40
C PHE B 99 -11.47 -13.38 9.20
N SER B 100 -12.77 -13.21 9.43
CA SER B 100 -13.70 -13.04 8.31
C SER B 100 -13.44 -11.69 7.63
N LYS B 101 -14.04 -11.49 6.46
CA LYS B 101 -14.13 -10.15 5.90
C LYS B 101 -14.80 -9.24 6.93
N PRO B 102 -14.49 -7.95 6.90
CA PRO B 102 -14.96 -7.05 7.97
C PRO B 102 -16.48 -6.90 7.96
N PHE B 103 -17.09 -6.86 9.14
CA PHE B 103 -18.52 -6.59 9.23
C PHE B 103 -18.81 -5.12 9.60
N MET B 104 -17.76 -4.37 9.92
CA MET B 104 -17.89 -2.95 10.19
C MET B 104 -16.56 -2.25 9.92
N SER B 105 -16.62 -1.02 9.42
CA SER B 105 -15.44 -0.20 9.21
C SER B 105 -15.33 0.83 10.32
N LEU B 106 -14.12 1.23 10.63
CA LEU B 106 -13.89 2.25 11.65
C LEU B 106 -12.51 2.88 11.51
N GLY B 107 -12.26 3.90 12.31
CA GLY B 107 -10.95 4.53 12.37
C GLY B 107 -10.67 4.98 13.77
N ILE B 108 -9.40 5.19 14.12
CA ILE B 108 -9.08 5.82 15.40
C ILE B 108 -9.55 7.29 15.38
N SER B 109 -10.13 7.76 16.48
CA SER B 109 -10.67 9.12 16.51
C SER B 109 -10.41 9.77 17.85
N ILE B 110 -10.75 11.04 17.94
CA ILE B 110 -10.48 11.83 19.13
C ILE B 110 -11.77 12.21 19.87
N MET B 111 -11.82 11.92 21.16
CA MET B 111 -12.96 12.30 21.97
C MET B 111 -12.55 13.39 22.95
N ILE B 112 -13.32 14.48 22.98
CA ILE B 112 -13.05 15.56 23.92
C ILE B 112 -14.30 15.88 24.72
N LYS B 113 -14.10 16.51 25.88
CA LYS B 113 -15.20 17.15 26.56
C LYS B 113 -15.60 18.37 25.74
N LYS B 114 -16.90 18.60 25.63
CA LYS B 114 -17.37 19.73 24.85
C LYS B 114 -16.70 21.01 25.29
N GLY B 115 -16.21 21.77 24.33
CA GLY B 115 -15.60 23.07 24.61
C GLY B 115 -14.09 22.99 24.73
N THR B 116 -13.55 21.77 24.71
CA THR B 116 -12.09 21.61 24.71
C THR B 116 -11.51 22.17 23.41
N PRO B 117 -10.44 22.99 23.52
CA PRO B 117 -9.81 23.65 22.38
C PRO B 117 -8.90 22.73 21.57
N ILE B 118 -9.46 21.67 21.01
CA ILE B 118 -8.72 20.73 20.18
C ILE B 118 -9.53 20.37 18.93
N GLU B 119 -8.90 20.43 17.76
CA GLU B 119 -9.60 20.07 16.52
C GLU B 119 -8.96 18.90 15.78
N SER B 120 -7.78 18.48 16.22
CA SER B 120 -7.04 17.46 15.48
C SER B 120 -5.96 16.77 16.30
N ALA B 121 -5.43 15.68 15.75
CA ALA B 121 -4.30 14.98 16.34
C ALA B 121 -3.12 15.94 16.38
N GLU B 122 -2.89 16.65 15.28
CA GLU B 122 -1.82 17.65 15.28
C GLU B 122 -1.97 18.67 16.40
N ASP B 123 -3.20 19.09 16.68
CA ASP B 123 -3.43 20.03 17.78
C ASP B 123 -2.96 19.43 19.10
N LEU B 124 -3.34 18.18 19.33
CA LEU B 124 -2.96 17.49 20.57
C LEU B 124 -1.45 17.42 20.72
N SER B 125 -0.77 17.08 19.63
CA SER B 125 0.68 16.85 19.65
C SER B 125 1.49 18.13 19.89
N LYS B 126 0.92 19.28 19.56
CA LYS B 126 1.65 20.55 19.65
C LYS B 126 1.47 21.26 21.00
N GLN B 127 0.81 20.60 21.94
CA GLN B 127 0.47 21.23 23.21
C GLN B 127 0.64 20.25 24.37
N THR B 128 0.56 20.75 25.59
CA THR B 128 0.88 19.94 26.77
C THR B 128 -0.15 20.11 27.88
N GLU B 129 -0.94 21.18 27.81
CA GLU B 129 -1.95 21.44 28.82
C GLU B 129 -2.97 20.32 28.87
N ILE B 130 -3.23 19.71 27.72
CA ILE B 130 -4.24 18.64 27.64
C ILE B 130 -3.60 17.26 27.44
N ALA B 131 -3.73 16.40 28.45
CA ALA B 131 -3.22 15.03 28.37
C ALA B 131 -4.12 14.15 27.50
N TYR B 132 -3.58 13.06 27.00
CA TYR B 132 -4.35 12.18 26.14
C TYR B 132 -3.74 10.78 26.07
N GLY B 133 -4.62 9.79 25.96
CA GLY B 133 -4.19 8.41 25.96
C GLY B 133 -5.14 7.53 25.20
N THR B 134 -4.90 6.22 25.28
CA THR B 134 -5.68 5.22 24.54
C THR B 134 -6.03 4.03 25.44
N LEU B 135 -6.85 3.12 24.94
CA LEU B 135 -7.14 1.86 25.64
C LEU B 135 -5.82 1.10 25.71
N ASP B 136 -5.36 0.86 26.93
CA ASP B 136 -3.94 0.60 27.17
C ASP B 136 -3.51 -0.78 26.73
N SER B 137 -4.41 -1.51 26.10
CA SER B 137 -4.06 -2.76 25.45
C SER B 137 -5.08 -2.94 24.33
N GLY B 138 -4.60 -3.16 23.10
CA GLY B 138 -5.47 -3.26 21.93
C GLY B 138 -4.86 -2.65 20.68
N SER B 139 -5.63 -2.58 19.60
CA SER B 139 -5.06 -2.13 18.33
C SER B 139 -4.73 -0.64 18.28
N THR B 140 -5.40 0.17 19.10
CA THR B 140 -5.16 1.61 19.03
C THR B 140 -3.80 1.96 19.62
N LYS B 141 -3.50 1.39 20.77
CA LYS B 141 -2.19 1.59 21.40
C LYS B 141 -1.10 1.11 20.46
N GLU B 142 -1.28 -0.08 19.89
CA GLU B 142 -0.31 -0.65 18.96
C GLU B 142 -0.13 0.24 17.71
N PHE B 143 -1.20 0.89 17.28
CA PHE B 143 -1.12 1.85 16.18
C PHE B 143 -0.09 2.95 16.47
N PHE B 144 -0.19 3.55 17.65
CA PHE B 144 0.73 4.63 18.02
C PHE B 144 2.13 4.12 18.30
N ARG B 145 2.23 2.97 18.94
CA ARG B 145 3.52 2.36 19.20
C ARG B 145 4.31 2.18 17.89
N ARG B 146 3.63 1.66 16.87
CA ARG B 146 4.26 1.32 15.60
C ARG B 146 4.28 2.45 14.56
N SER B 147 3.64 3.57 14.83
CA SER B 147 3.48 4.60 13.80
C SER B 147 4.79 5.29 13.41
N LYS B 148 5.03 5.36 12.12
CA LYS B 148 6.20 6.05 11.59
C LYS B 148 5.82 7.41 11.03
N ILE B 149 4.58 7.82 11.27
CA ILE B 149 4.14 9.17 10.93
C ILE B 149 4.53 10.13 12.06
N ALA B 150 5.06 11.29 11.69
CA ALA B 150 5.66 12.21 12.65
C ALA B 150 4.71 12.67 13.74
N VAL B 151 3.49 13.04 13.35
CA VAL B 151 2.52 13.50 14.31
C VAL B 151 2.22 12.42 15.36
N PHE B 152 1.91 11.23 14.87
CA PHE B 152 1.55 10.11 15.74
C PHE B 152 2.74 9.59 16.54
N ASP B 153 3.92 9.54 15.93
CA ASP B 153 5.10 9.12 16.68
C ASP B 153 5.41 10.11 17.81
N LYS B 154 5.30 11.40 17.51
CA LYS B 154 5.42 12.42 18.54
C LYS B 154 4.44 12.13 19.68
N MET B 155 3.18 11.86 19.33
CA MET B 155 2.16 11.57 20.34
C MET B 155 2.54 10.32 21.15
N TRP B 156 3.02 9.30 20.47
CA TRP B 156 3.41 8.08 21.17
C TRP B 156 4.55 8.36 22.15
N THR B 157 5.51 9.18 21.73
CA THR B 157 6.63 9.51 22.61
C THR B 157 6.11 10.19 23.86
N TYR B 158 5.08 11.01 23.72
CA TYR B 158 4.48 11.66 24.88
C TYR B 158 3.73 10.66 25.77
N MET B 159 2.92 9.81 25.13
CA MET B 159 2.02 8.93 25.88
C MET B 159 2.76 7.86 26.66
N ARG B 160 3.75 7.24 26.03
CA ARG B 160 4.51 6.15 26.65
C ARG B 160 5.19 6.58 27.94
N SER B 161 5.54 7.87 28.04
CA SER B 161 6.30 8.34 29.18
C SER B 161 5.51 9.25 30.10
N ALA B 162 4.26 9.53 29.73
CA ALA B 162 3.41 10.41 30.53
C ALA B 162 3.27 9.91 31.96
N GLU B 163 3.20 10.84 32.91
CA GLU B 163 2.96 10.51 34.31
C GLU B 163 2.01 11.54 34.92
N PRO B 164 0.93 11.06 35.57
CA PRO B 164 0.56 9.65 35.67
C PRO B 164 0.15 9.08 34.32
N SER B 165 0.00 7.77 34.25
CA SER B 165 -0.31 7.08 33.01
C SER B 165 -1.56 7.65 32.33
N VAL B 166 -1.52 7.70 31.01
CA VAL B 166 -2.66 8.19 30.23
C VAL B 166 -3.43 7.02 29.63
N PHE B 167 -2.99 5.81 29.93
CA PHE B 167 -3.62 4.63 29.37
C PHE B 167 -4.69 4.08 30.30
N VAL B 168 -5.75 3.53 29.73
CA VAL B 168 -6.88 3.04 30.51
C VAL B 168 -7.13 1.57 30.26
N ARG B 169 -7.72 0.90 31.24
CA ARG B 169 -7.99 -0.52 31.15
C ARG B 169 -9.22 -0.82 30.30
N THR B 170 -10.17 0.12 30.31
CA THR B 170 -11.40 -0.07 29.56
C THR B 170 -11.89 1.25 28.96
N THR B 171 -12.72 1.14 27.93
CA THR B 171 -13.31 2.32 27.30
C THR B 171 -14.09 3.13 28.34
N ALA B 172 -14.85 2.45 29.19
CA ALA B 172 -15.62 3.13 30.23
C ALA B 172 -14.73 4.04 31.05
N GLU B 173 -13.57 3.54 31.44
CA GLU B 173 -12.61 4.31 32.23
C GLU B 173 -12.04 5.51 31.44
N GLY B 174 -11.76 5.31 30.16
CA GLY B 174 -11.34 6.41 29.30
C GLY B 174 -12.38 7.50 29.24
N VAL B 175 -13.63 7.11 28.97
CA VAL B 175 -14.70 8.08 28.82
C VAL B 175 -14.94 8.83 30.12
N ALA B 176 -15.04 8.09 31.22
CA ALA B 176 -15.20 8.71 32.53
C ALA B 176 -14.09 9.72 32.78
N ARG B 177 -12.86 9.38 32.39
CA ARG B 177 -11.74 10.29 32.58
C ARG B 177 -11.89 11.58 31.79
N VAL B 178 -12.42 11.51 30.57
CA VAL B 178 -12.69 12.74 29.81
C VAL B 178 -13.75 13.57 30.51
N ARG B 179 -14.81 12.90 30.96
CA ARG B 179 -15.93 13.60 31.57
C ARG B 179 -15.56 14.32 32.86
N LYS B 180 -14.63 13.76 33.62
CA LYS B 180 -14.27 14.32 34.91
C LYS B 180 -13.02 15.20 34.90
N SER B 181 -12.37 15.36 33.75
CA SER B 181 -11.09 16.03 33.74
C SER B 181 -11.16 17.50 33.36
N LYS B 182 -12.38 18.01 33.26
CA LYS B 182 -12.61 19.43 33.02
C LYS B 182 -11.94 19.93 31.74
N GLY B 183 -11.82 19.04 30.78
CA GLY B 183 -11.27 19.37 29.48
C GLY B 183 -9.77 19.20 29.40
N LYS B 184 -9.18 18.58 30.42
CA LYS B 184 -7.72 18.43 30.46
C LYS B 184 -7.24 17.05 30.00
N TYR B 185 -8.18 16.20 29.60
CA TYR B 185 -7.85 14.89 29.03
C TYR B 185 -8.70 14.65 27.78
N ALA B 186 -8.02 14.34 26.68
CA ALA B 186 -8.72 13.88 25.49
C ALA B 186 -8.43 12.40 25.32
N TYR B 187 -9.38 11.66 24.76
CA TYR B 187 -9.27 10.22 24.69
C TYR B 187 -9.27 9.76 23.24
N LEU B 188 -8.26 8.99 22.87
CA LEU B 188 -8.20 8.42 21.54
C LEU B 188 -8.84 7.04 21.53
N LEU B 189 -9.85 6.86 20.69
CA LEU B 189 -10.59 5.62 20.71
C LEU B 189 -11.23 5.37 19.34
N GLU B 190 -11.71 4.15 19.13
CA GLU B 190 -12.28 3.82 17.83
C GLU B 190 -13.58 4.60 17.57
N SER B 191 -13.78 4.99 16.30
CA SER B 191 -14.79 5.95 15.91
C SER B 191 -16.21 5.47 16.20
N THR B 192 -16.43 4.18 16.05
CA THR B 192 -17.72 3.54 16.30
C THR B 192 -18.16 3.75 17.75
N MET B 193 -17.22 3.57 18.68
CA MET B 193 -17.49 3.77 20.10
C MET B 193 -17.72 5.25 20.37
N ASN B 194 -16.83 6.07 19.85
CA ASN B 194 -16.90 7.53 19.99
C ASN B 194 -18.27 8.04 19.55
N GLU B 195 -18.70 7.62 18.37
CA GLU B 195 -19.99 8.03 17.83
C GLU B 195 -21.18 7.57 18.67
N TYR B 196 -21.11 6.35 19.20
CA TYR B 196 -22.15 5.89 20.11
C TYR B 196 -22.25 6.74 21.36
N ILE B 197 -21.10 6.94 22.01
CA ILE B 197 -21.05 7.67 23.28
C ILE B 197 -21.51 9.12 23.13
N GLU B 198 -21.16 9.74 22.02
CA GLU B 198 -21.54 11.13 21.75
C GLU B 198 -23.07 11.33 21.75
N GLN B 199 -23.82 10.26 21.46
CA GLN B 199 -25.27 10.37 21.41
C GLN B 199 -25.97 9.85 22.67
N ARG B 200 -25.22 9.59 23.73
CA ARG B 200 -25.82 9.12 24.98
C ARG B 200 -25.66 10.17 26.06
N LYS B 201 -26.59 10.18 27.02
CA LYS B 201 -26.48 11.08 28.16
C LYS B 201 -25.23 10.73 28.94
N PRO B 202 -24.56 11.73 29.53
CA PRO B 202 -24.98 13.13 29.63
C PRO B 202 -24.66 14.04 28.43
N CYS B 203 -24.35 13.48 27.26
CA CYS B 203 -24.15 14.33 26.08
C CYS B 203 -23.12 15.44 26.29
N ASP B 204 -21.99 15.11 26.89
CA ASP B 204 -20.98 16.13 27.18
C ASP B 204 -19.67 15.86 26.47
N THR B 205 -19.65 14.86 25.61
CA THR B 205 -18.46 14.56 24.84
C THR B 205 -18.74 14.79 23.36
N MET B 206 -17.67 14.92 22.57
CA MET B 206 -17.83 14.90 21.12
C MET B 206 -16.60 14.40 20.39
N LYS B 207 -16.83 13.85 19.20
CA LYS B 207 -15.77 13.41 18.33
C LYS B 207 -15.29 14.64 17.57
N VAL B 208 -13.98 14.86 17.53
CA VAL B 208 -13.46 15.96 16.72
C VAL B 208 -12.44 15.49 15.70
N GLY B 209 -12.51 16.05 14.50
CA GLY B 209 -11.59 15.70 13.44
C GLY B 209 -12.00 14.43 12.72
N GLY B 210 -11.27 14.11 11.66
CA GLY B 210 -11.50 12.89 10.93
C GLY B 210 -10.82 11.73 11.63
N ASN B 211 -10.98 10.55 11.06
CA ASN B 211 -10.32 9.38 11.61
C ASN B 211 -8.83 9.40 11.28
N LEU B 212 -8.02 8.84 12.17
CA LEU B 212 -6.57 8.84 11.99
C LEU B 212 -6.14 7.70 11.09
N ASP B 213 -7.04 6.73 10.92
CA ASP B 213 -6.78 5.60 10.03
C ASP B 213 -8.09 4.96 9.59
N SER B 214 -7.97 3.91 8.78
CA SER B 214 -9.14 3.16 8.32
C SER B 214 -8.91 1.67 8.48
N LYS B 215 -9.84 1.00 9.13
CA LYS B 215 -9.75 -0.44 9.29
C LYS B 215 -11.11 -1.07 9.57
N GLY B 216 -11.09 -2.33 9.97
CA GLY B 216 -12.32 -3.07 10.12
C GLY B 216 -12.32 -4.05 11.28
N TYR B 217 -13.51 -4.43 11.70
CA TYR B 217 -13.70 -5.49 12.67
C TYR B 217 -14.04 -6.75 11.92
N GLY B 218 -13.49 -7.88 12.34
CA GLY B 218 -13.86 -9.14 11.78
C GLY B 218 -14.16 -10.18 12.85
N ILE B 219 -14.92 -11.19 12.46
CA ILE B 219 -15.16 -12.33 13.33
C ILE B 219 -13.92 -13.21 13.28
N ALA B 220 -13.42 -13.64 14.43
CA ALA B 220 -12.18 -14.42 14.46
C ALA B 220 -12.40 -15.89 14.83
N THR B 221 -11.62 -16.77 14.22
CA THR B 221 -11.62 -18.19 14.55
C THR B 221 -10.18 -18.67 14.67
N PRO B 222 -9.97 -19.82 15.34
CA PRO B 222 -8.61 -20.38 15.41
C PRO B 222 -8.13 -20.77 14.01
N LYS B 223 -6.84 -20.58 13.74
CA LYS B 223 -6.30 -20.95 12.42
C LYS B 223 -6.70 -22.36 11.99
N GLY B 224 -7.19 -22.48 10.76
CA GLY B 224 -7.58 -23.77 10.23
C GLY B 224 -8.86 -24.32 10.81
N SER B 225 -9.61 -23.49 11.55
CA SER B 225 -10.91 -23.97 12.05
C SER B 225 -11.88 -24.19 10.89
N SER B 226 -12.72 -25.21 11.01
CA SER B 226 -13.71 -25.49 9.98
C SER B 226 -14.82 -24.45 9.96
N LEU B 227 -14.89 -23.64 11.02
CA LEU B 227 -15.88 -22.58 11.10
C LEU B 227 -15.50 -21.36 10.25
N GLY B 228 -14.21 -21.22 9.96
CA GLY B 228 -13.70 -20.06 9.25
C GLY B 228 -14.43 -19.74 7.95
N THR B 229 -14.58 -20.75 7.10
CA THR B 229 -15.20 -20.54 5.80
C THR B 229 -16.70 -20.21 5.84
N PRO B 230 -17.50 -21.02 6.53
CA PRO B 230 -18.93 -20.70 6.59
C PRO B 230 -19.18 -19.32 7.22
N VAL B 231 -18.40 -18.97 8.23
CA VAL B 231 -18.60 -17.70 8.91
C VAL B 231 -18.33 -16.53 7.97
N ASN B 232 -17.22 -16.63 7.25
CA ASN B 232 -16.86 -15.62 6.27
C ASN B 232 -17.99 -15.42 5.27
N LEU B 233 -18.50 -16.52 4.72
CA LEU B 233 -19.62 -16.46 3.77
C LEU B 233 -20.86 -15.90 4.42
N ALA B 234 -21.09 -16.22 5.69
CA ALA B 234 -22.23 -15.64 6.40
C ALA B 234 -22.12 -14.12 6.56
N VAL B 235 -20.91 -13.62 6.80
CA VAL B 235 -20.73 -12.18 6.94
C VAL B 235 -21.04 -11.47 5.63
N LEU B 236 -20.53 -12.00 4.52
CA LEU B 236 -20.78 -11.36 3.22
C LEU B 236 -22.25 -11.42 2.85
N LYS B 237 -22.91 -12.55 3.14
CA LYS B 237 -24.34 -12.65 2.92
C LYS B 237 -25.11 -11.59 3.71
N LEU B 238 -24.80 -11.44 4.99
CA LEU B 238 -25.49 -10.46 5.83
C LEU B 238 -25.22 -9.03 5.35
N SER B 239 -24.00 -8.80 4.89
CA SER B 239 -23.67 -7.49 4.34
C SER B 239 -24.58 -7.20 3.14
N GLU B 240 -24.59 -8.13 2.19
CA GLU B 240 -25.35 -7.95 0.96
C GLU B 240 -26.87 -7.94 1.17
N GLN B 241 -27.33 -8.58 2.25
CA GLN B 241 -28.76 -8.56 2.59
C GLN B 241 -29.18 -7.27 3.29
N GLY B 242 -28.21 -6.41 3.57
CA GLY B 242 -28.45 -5.15 4.26
C GLY B 242 -28.60 -5.34 5.76
N VAL B 243 -28.41 -6.56 6.25
CA VAL B 243 -28.59 -6.85 7.67
C VAL B 243 -27.59 -6.11 8.57
N LEU B 244 -26.33 -6.05 8.17
CA LEU B 244 -25.33 -5.33 8.96
C LEU B 244 -25.69 -3.85 9.11
N ASP B 245 -26.26 -3.27 8.05
CA ASP B 245 -26.69 -1.88 8.09
C ASP B 245 -27.89 -1.69 9.03
N LYS B 246 -28.81 -2.65 8.99
CA LYS B 246 -29.99 -2.60 9.84
C LYS B 246 -29.58 -2.66 11.31
N LEU B 247 -28.65 -3.56 11.62
CA LEU B 247 -28.16 -3.67 12.99
C LEU B 247 -27.43 -2.43 13.45
N LYS B 248 -26.66 -1.82 12.54
CA LYS B 248 -25.94 -0.61 12.85
C LYS B 248 -26.94 0.51 13.18
N ASN B 249 -27.94 0.65 12.34
CA ASN B 249 -28.96 1.67 12.60
C ASN B 249 -29.73 1.38 13.88
N LYS B 250 -29.97 0.11 14.16
CA LYS B 250 -30.70 -0.27 15.37
C LYS B 250 -29.94 0.11 16.65
N TRP B 251 -28.63 -0.05 16.64
CA TRP B 251 -27.85 0.07 17.87
C TRP B 251 -27.17 1.39 18.08
N TRP B 252 -27.01 2.17 17.02
CA TRP B 252 -26.36 3.46 17.18
C TRP B 252 -27.37 4.57 17.26
N TYR B 253 -28.16 4.72 16.21
CA TYR B 253 -28.92 5.95 16.06
C TYR B 253 -30.35 5.88 16.58
N ASP B 254 -30.95 4.69 16.55
CA ASP B 254 -32.22 4.49 17.24
C ASP B 254 -32.04 4.53 18.75
N LYS B 255 -30.79 4.52 19.21
CA LYS B 255 -30.49 4.58 20.64
C LYS B 255 -29.89 5.94 21.07
N GLY B 256 -30.00 6.93 20.20
CA GLY B 256 -29.55 8.28 20.51
C GLY B 256 -30.47 9.02 21.46
N GLU B 257 -29.87 9.68 22.45
CA GLU B 257 -30.59 10.39 23.51
C GLU B 257 -30.29 11.90 23.58
N CYS B 258 -29.50 12.40 22.62
CA CYS B 258 -29.00 13.77 22.70
C CYS B 258 -29.57 14.68 21.61
N LYS C 1 40.80 -16.71 -27.97
CA LYS C 1 39.35 -16.54 -27.90
C LYS C 1 38.89 -15.15 -27.53
N THR C 2 37.64 -14.88 -27.88
CA THR C 2 37.00 -13.62 -27.56
C THR C 2 36.66 -13.57 -26.06
N VAL C 3 37.12 -12.52 -25.39
CA VAL C 3 36.80 -12.35 -24.00
C VAL C 3 35.38 -11.79 -23.88
N VAL C 4 34.56 -12.39 -23.03
CA VAL C 4 33.22 -11.86 -22.80
C VAL C 4 33.23 -10.80 -21.70
N VAL C 5 32.88 -9.57 -22.05
CA VAL C 5 32.85 -8.48 -21.09
C VAL C 5 31.42 -8.25 -20.64
N THR C 6 31.19 -8.27 -19.33
CA THR C 6 29.87 -7.91 -18.82
C THR C 6 29.93 -6.47 -18.36
N THR C 7 28.86 -5.74 -18.61
CA THR C 7 28.81 -4.34 -18.25
C THR C 7 27.35 -3.95 -18.09
N ILE C 8 27.09 -2.70 -17.76
CA ILE C 8 25.75 -2.29 -17.38
C ILE C 8 25.46 -0.98 -18.06
N LEU C 9 24.21 -0.79 -18.53
CA LEU C 9 23.83 0.46 -19.18
C LEU C 9 23.65 1.53 -18.11
N GLU C 10 24.58 2.46 -18.07
CA GLU C 10 24.58 3.49 -17.04
C GLU C 10 25.37 4.67 -17.59
N SER C 11 24.73 5.83 -17.70
CA SER C 11 25.38 6.98 -18.30
C SER C 11 26.36 7.67 -17.34
N PRO C 12 27.49 8.15 -17.86
CA PRO C 12 27.96 8.03 -19.24
C PRO C 12 28.96 6.87 -19.43
N TYR C 13 28.80 5.79 -18.67
CA TYR C 13 29.75 4.68 -18.71
C TYR C 13 29.53 3.79 -19.94
N VAL C 14 28.29 3.36 -20.13
CA VAL C 14 27.92 2.59 -21.30
C VAL C 14 26.54 3.03 -21.74
N MET C 15 26.46 3.50 -22.98
CA MET C 15 25.21 4.00 -23.53
C MET C 15 25.05 3.50 -24.97
N MET C 16 23.80 3.21 -25.33
CA MET C 16 23.46 2.84 -26.69
C MET C 16 23.54 4.08 -27.55
N LYS C 17 24.41 4.07 -28.56
CA LYS C 17 24.44 5.18 -29.49
C LYS C 17 23.05 5.36 -30.13
N LYS C 18 22.69 6.60 -30.40
CA LYS C 18 21.44 6.90 -31.08
C LYS C 18 21.27 6.11 -32.38
N ASN C 19 20.13 5.44 -32.51
CA ASN C 19 19.79 4.73 -33.74
C ASN C 19 20.62 3.49 -34.04
N HIS C 20 21.29 2.94 -33.03
CA HIS C 20 22.18 1.79 -33.22
C HIS C 20 21.59 0.49 -32.67
N GLU C 21 20.35 0.55 -32.22
CA GLU C 21 19.71 -0.61 -31.60
C GLU C 21 19.79 -1.89 -32.44
N MET C 22 19.71 -1.78 -33.76
CA MET C 22 19.71 -2.96 -34.63
C MET C 22 21.08 -3.24 -35.28
N LEU C 23 22.08 -2.45 -34.91
CA LEU C 23 23.44 -2.68 -35.39
C LEU C 23 24.05 -3.89 -34.69
N GLU C 24 25.32 -4.17 -34.96
CA GLU C 24 25.93 -5.40 -34.48
C GLU C 24 27.16 -5.16 -33.61
N GLY C 25 27.27 -5.91 -32.53
CA GLY C 25 28.51 -5.95 -31.77
C GLY C 25 28.86 -4.66 -31.08
N ASN C 26 30.16 -4.49 -30.81
CA ASN C 26 30.65 -3.47 -29.90
C ASN C 26 30.38 -2.03 -30.32
N GLU C 27 30.25 -1.80 -31.62
CA GLU C 27 30.08 -0.45 -32.14
C GLU C 27 28.73 0.16 -31.80
N ARG C 28 27.84 -0.64 -31.22
CA ARG C 28 26.55 -0.12 -30.77
C ARG C 28 26.67 0.83 -29.59
N TYR C 29 27.73 0.66 -28.79
CA TYR C 29 27.85 1.37 -27.51
C TYR C 29 28.89 2.46 -27.49
N GLU C 30 28.68 3.44 -26.60
CA GLU C 30 29.68 4.46 -26.32
C GLU C 30 29.69 4.79 -24.82
N GLY C 31 30.78 5.39 -24.37
CA GLY C 31 30.87 5.78 -22.98
C GLY C 31 32.26 5.58 -22.42
N TYR C 32 32.45 6.07 -21.20
CA TYR C 32 33.71 5.95 -20.51
C TYR C 32 34.22 4.50 -20.49
N CYS C 33 33.32 3.57 -20.15
CA CYS C 33 33.71 2.17 -19.97
C CYS C 33 33.93 1.46 -21.31
N VAL C 34 33.20 1.90 -22.34
CA VAL C 34 33.46 1.42 -23.69
C VAL C 34 34.86 1.81 -24.12
N ASP C 35 35.23 3.07 -23.89
CA ASP C 35 36.59 3.52 -24.20
C ASP C 35 37.63 2.81 -23.33
N LEU C 36 37.33 2.64 -22.05
CA LEU C 36 38.23 1.93 -21.14
C LEU C 36 38.44 0.49 -21.62
N ALA C 37 37.37 -0.17 -22.03
CA ALA C 37 37.47 -1.54 -22.48
C ALA C 37 38.41 -1.64 -23.70
N ALA C 38 38.26 -0.72 -24.63
CA ALA C 38 39.12 -0.70 -25.81
C ALA C 38 40.60 -0.58 -25.43
N GLU C 39 40.91 0.31 -24.49
CA GLU C 39 42.31 0.47 -24.08
C GLU C 39 42.85 -0.71 -23.28
N ILE C 40 42.03 -1.25 -22.37
CA ILE C 40 42.43 -2.42 -21.61
C ILE C 40 42.72 -3.59 -22.55
N ALA C 41 41.81 -3.82 -23.50
CA ALA C 41 41.94 -4.97 -24.40
C ALA C 41 43.18 -4.80 -25.29
N LYS C 42 43.45 -3.56 -25.66
CA LYS C 42 44.62 -3.25 -26.47
C LYS C 42 45.93 -3.53 -25.73
N HIS C 43 46.02 -3.09 -24.49
CA HIS C 43 47.22 -3.34 -23.68
C HIS C 43 47.44 -4.80 -23.30
N CYS C 44 46.34 -5.52 -23.06
CA CYS C 44 46.43 -6.93 -22.71
C CYS C 44 46.39 -7.82 -23.94
N GLY C 45 46.18 -7.21 -25.11
CA GLY C 45 46.11 -7.95 -26.35
C GLY C 45 45.06 -9.05 -26.40
N PHE C 46 43.79 -8.67 -26.23
CA PHE C 46 42.72 -9.63 -26.47
C PHE C 46 41.56 -9.03 -27.26
N LYS C 47 40.79 -9.90 -27.91
CA LYS C 47 39.56 -9.50 -28.56
C LYS C 47 38.42 -9.72 -27.57
N TYR C 48 37.37 -8.92 -27.68
CA TYR C 48 36.31 -8.97 -26.68
C TYR C 48 34.96 -8.71 -27.26
N LYS C 49 33.93 -9.11 -26.52
CA LYS C 49 32.56 -8.82 -26.87
C LYS C 49 31.86 -8.17 -25.67
N LEU C 50 31.41 -6.93 -25.85
CA LEU C 50 30.62 -6.27 -24.82
C LEU C 50 29.24 -6.91 -24.73
N THR C 51 28.83 -7.30 -23.53
CA THR C 51 27.48 -7.76 -23.29
C THR C 51 26.93 -7.03 -22.07
N ILE C 52 25.64 -6.72 -22.09
CA ILE C 52 24.99 -6.03 -20.97
C ILE C 52 24.46 -7.06 -19.98
N VAL C 53 24.75 -6.85 -18.70
CA VAL C 53 24.30 -7.79 -17.68
C VAL C 53 22.80 -8.08 -17.77
N GLY C 54 22.45 -9.36 -17.82
CA GLY C 54 21.06 -9.80 -18.00
C GLY C 54 20.03 -9.17 -17.08
N ASP C 55 20.32 -9.11 -15.78
CA ASP C 55 19.36 -8.60 -14.80
C ASP C 55 19.53 -7.13 -14.44
N GLY C 56 20.41 -6.44 -15.15
CA GLY C 56 20.64 -5.02 -14.93
C GLY C 56 21.16 -4.65 -13.55
N LYS C 57 21.77 -5.60 -12.84
CA LYS C 57 22.26 -5.31 -11.49
C LYS C 57 23.78 -5.31 -11.37
N TYR C 58 24.29 -4.66 -10.33
CA TYR C 58 25.71 -4.57 -10.08
C TYR C 58 26.23 -5.85 -9.45
N GLY C 59 25.59 -6.27 -8.35
CA GLY C 59 25.87 -7.55 -7.78
C GLY C 59 25.80 -7.60 -6.27
N ALA C 60 24.86 -8.39 -5.77
CA ALA C 60 24.78 -8.66 -4.33
C ALA C 60 24.52 -10.14 -4.12
N ARG C 61 24.79 -10.60 -2.90
CA ARG C 61 24.61 -11.98 -2.54
C ARG C 61 23.31 -12.15 -1.76
N ASP C 62 22.38 -12.94 -2.29
CA ASP C 62 21.09 -13.12 -1.62
C ASP C 62 21.24 -13.82 -0.26
N ALA C 63 20.48 -13.36 0.73
CA ALA C 63 20.53 -13.91 2.09
C ALA C 63 20.16 -15.40 2.16
N ASP C 64 19.02 -15.74 1.56
CA ASP C 64 18.48 -17.10 1.61
C ASP C 64 19.32 -18.09 0.81
N THR C 65 19.35 -17.91 -0.50
CA THR C 65 20.07 -18.83 -1.39
C THR C 65 21.58 -18.62 -1.38
N LYS C 66 22.00 -17.40 -1.06
CA LYS C 66 23.41 -17.03 -1.07
C LYS C 66 23.96 -17.00 -2.50
N ILE C 67 23.06 -16.88 -3.47
CA ILE C 67 23.43 -16.79 -4.87
C ILE C 67 23.77 -15.33 -5.22
N TRP C 68 24.81 -15.14 -6.04
CA TRP C 68 25.22 -13.80 -6.45
C TRP C 68 24.45 -13.42 -7.70
N ASN C 69 23.96 -12.18 -7.72
CA ASN C 69 23.26 -11.70 -8.92
C ASN C 69 24.12 -10.67 -9.64
N GLY C 70 23.60 -10.11 -10.72
CA GLY C 70 24.25 -9.02 -11.42
C GLY C 70 25.59 -9.36 -12.06
N MET C 71 26.40 -8.32 -12.31
CA MET C 71 27.70 -8.51 -12.94
C MET C 71 28.60 -9.37 -12.06
N VAL C 72 28.50 -9.24 -10.75
CA VAL C 72 29.35 -10.09 -9.90
C VAL C 72 29.01 -11.56 -10.14
N GLY C 73 27.71 -11.86 -10.20
CA GLY C 73 27.25 -13.22 -10.45
C GLY C 73 27.70 -13.78 -11.77
N GLU C 74 27.68 -12.96 -12.82
CA GLU C 74 28.13 -13.41 -14.13
C GLU C 74 29.58 -13.86 -14.10
N LEU C 75 30.42 -13.16 -13.33
CA LEU C 75 31.80 -13.58 -13.10
C LEU C 75 31.88 -14.82 -12.20
N VAL C 76 31.11 -14.81 -11.11
CA VAL C 76 31.19 -15.89 -10.13
C VAL C 76 30.80 -17.23 -10.75
N TYR C 77 29.82 -17.22 -11.66
CA TYR C 77 29.26 -18.45 -12.22
C TYR C 77 29.78 -18.80 -13.60
N GLY C 78 30.79 -18.06 -14.05
CA GLY C 78 31.46 -18.36 -15.31
C GLY C 78 30.75 -17.88 -16.56
N LYS C 79 29.82 -16.94 -16.42
CA LYS C 79 29.07 -16.42 -17.55
C LYS C 79 29.79 -15.28 -18.27
N ALA C 80 30.78 -14.68 -17.62
CA ALA C 80 31.57 -13.62 -18.25
C ALA C 80 33.01 -13.75 -17.78
N ASP C 81 33.95 -13.20 -18.55
CA ASP C 81 35.37 -13.30 -18.22
C ASP C 81 35.90 -12.05 -17.49
N ILE C 82 35.22 -10.94 -17.66
CA ILE C 82 35.69 -9.67 -17.10
C ILE C 82 34.52 -8.73 -17.01
N ALA C 83 34.49 -7.90 -15.97
CA ALA C 83 33.46 -6.87 -15.85
C ALA C 83 34.12 -5.50 -15.93
N ILE C 84 33.67 -4.69 -16.89
CA ILE C 84 34.23 -3.36 -17.05
C ILE C 84 33.08 -2.38 -16.93
N ALA C 85 32.95 -1.80 -15.75
CA ALA C 85 31.76 -1.05 -15.37
C ALA C 85 32.05 -0.22 -14.12
N PRO C 86 31.16 0.73 -13.78
CA PRO C 86 31.29 1.47 -12.52
C PRO C 86 31.01 0.54 -11.33
N LEU C 87 31.88 -0.45 -11.15
CA LEU C 87 31.68 -1.48 -10.15
C LEU C 87 32.51 -1.20 -8.90
N THR C 88 31.84 -0.96 -7.79
CA THR C 88 32.52 -0.53 -6.58
C THR C 88 33.35 -1.66 -5.94
N ILE C 89 34.60 -1.37 -5.63
CA ILE C 89 35.47 -2.32 -4.94
C ILE C 89 35.02 -2.37 -3.50
N THR C 90 34.52 -3.53 -3.07
CA THR C 90 34.10 -3.73 -1.68
C THR C 90 34.69 -5.03 -1.10
N LEU C 91 34.69 -5.11 0.22
CA LEU C 91 35.24 -6.28 0.90
C LEU C 91 34.52 -7.57 0.52
N VAL C 92 33.19 -7.58 0.57
CA VAL C 92 32.47 -8.85 0.31
C VAL C 92 32.65 -9.31 -1.13
N ARG C 93 32.82 -8.37 -2.06
CA ARG C 93 33.09 -8.79 -3.44
C ARG C 93 34.52 -9.31 -3.65
N GLU C 94 35.49 -8.69 -2.98
CA GLU C 94 36.89 -9.03 -3.14
C GLU C 94 37.16 -10.45 -2.62
N GLU C 95 36.23 -10.93 -1.81
CA GLU C 95 36.30 -12.30 -1.31
C GLU C 95 35.93 -13.31 -2.38
N VAL C 96 35.13 -12.91 -3.36
CA VAL C 96 34.67 -13.85 -4.37
C VAL C 96 35.17 -13.57 -5.78
N ILE C 97 35.57 -12.32 -6.04
CA ILE C 97 36.18 -11.96 -7.33
C ILE C 97 37.44 -11.12 -7.12
N ASP C 98 38.22 -10.94 -8.18
CA ASP C 98 39.43 -10.11 -8.13
C ASP C 98 39.13 -8.72 -8.71
N PHE C 99 39.63 -7.66 -8.07
CA PHE C 99 39.53 -6.30 -8.61
C PHE C 99 40.88 -5.76 -8.98
N SER C 100 40.93 -5.01 -10.08
CA SER C 100 42.10 -4.22 -10.38
C SER C 100 42.19 -3.07 -9.38
N LYS C 101 43.34 -2.39 -9.33
CA LYS C 101 43.41 -1.12 -8.64
C LYS C 101 42.35 -0.20 -9.24
N PRO C 102 41.85 0.77 -8.44
CA PRO C 102 40.74 1.61 -8.90
C PRO C 102 41.10 2.43 -10.14
N PHE C 103 40.17 2.54 -11.09
CA PHE C 103 40.35 3.42 -12.22
C PHE C 103 39.63 4.75 -12.02
N MET C 104 38.83 4.85 -10.97
CA MET C 104 38.10 6.08 -10.68
C MET C 104 37.69 6.15 -9.19
N SER C 105 37.85 7.33 -8.60
CA SER C 105 37.47 7.58 -7.21
C SER C 105 36.11 8.23 -7.13
N LEU C 106 35.38 7.90 -6.06
CA LEU C 106 34.04 8.42 -5.87
C LEU C 106 33.62 8.31 -4.43
N GLY C 107 32.47 8.88 -4.11
CA GLY C 107 31.89 8.74 -2.79
C GLY C 107 30.39 8.84 -2.95
N ILE C 108 29.65 8.36 -1.97
CA ILE C 108 28.21 8.55 -1.92
C ILE C 108 27.94 10.05 -1.74
N SER C 109 26.95 10.58 -2.43
CA SER C 109 26.65 12.00 -2.39
C SER C 109 25.14 12.21 -2.41
N ILE C 110 24.71 13.45 -2.20
CA ILE C 110 23.30 13.78 -2.16
C ILE C 110 22.89 14.57 -3.41
N MET C 111 21.82 14.10 -4.05
CA MET C 111 21.21 14.86 -5.13
C MET C 111 19.86 15.43 -4.70
N ILE C 112 19.68 16.73 -4.91
CA ILE C 112 18.39 17.37 -4.67
C ILE C 112 17.87 18.06 -5.93
N LYS C 113 16.58 18.31 -5.96
CA LYS C 113 16.04 19.24 -6.94
C LYS C 113 16.49 20.63 -6.51
N LYS C 114 16.81 21.50 -7.45
CA LYS C 114 17.27 22.84 -7.08
C LYS C 114 16.24 23.53 -6.20
N GLY C 115 16.71 24.12 -5.10
CA GLY C 115 15.82 24.81 -4.19
C GLY C 115 15.49 24.05 -2.91
N THR C 116 15.73 22.75 -2.90
CA THR C 116 15.44 21.93 -1.72
C THR C 116 16.28 22.37 -0.53
N PRO C 117 15.64 22.62 0.64
CA PRO C 117 16.39 23.10 1.79
C PRO C 117 17.16 21.99 2.51
N ILE C 118 18.16 21.42 1.85
CA ILE C 118 19.01 20.39 2.43
C ILE C 118 20.45 20.68 2.05
N GLU C 119 21.37 20.68 3.03
CA GLU C 119 22.77 20.94 2.72
C GLU C 119 23.71 19.79 3.09
N SER C 120 23.18 18.74 3.73
CA SER C 120 24.04 17.69 4.24
C SER C 120 23.26 16.45 4.65
N ALA C 121 23.96 15.34 4.83
CA ALA C 121 23.37 14.11 5.34
C ALA C 121 22.69 14.37 6.69
N GLU C 122 23.39 15.05 7.59
CA GLU C 122 22.81 15.39 8.88
C GLU C 122 21.45 16.09 8.74
N ASP C 123 21.36 17.06 7.83
CA ASP C 123 20.10 17.74 7.55
C ASP C 123 18.98 16.75 7.24
N LEU C 124 19.26 15.81 6.34
CA LEU C 124 18.28 14.81 5.95
C LEU C 124 17.81 14.04 7.16
N SER C 125 18.76 13.66 8.00
CA SER C 125 18.51 12.78 9.13
C SER C 125 17.69 13.42 10.25
N LYS C 126 17.60 14.75 10.23
CA LYS C 126 16.89 15.48 11.29
C LYS C 126 15.50 15.95 10.87
N GLN C 127 14.98 15.40 9.79
CA GLN C 127 13.68 15.83 9.31
C GLN C 127 12.95 14.68 8.64
N THR C 128 11.67 14.90 8.36
CA THR C 128 10.81 13.87 7.80
C THR C 128 10.04 14.36 6.57
N GLU C 129 9.94 15.67 6.40
CA GLU C 129 9.22 16.23 5.25
C GLU C 129 9.78 15.73 3.93
N ILE C 130 11.10 15.65 3.83
CA ILE C 130 11.75 15.24 2.60
C ILE C 130 12.20 13.78 2.69
N ALA C 131 11.60 12.95 1.83
CA ALA C 131 11.96 11.55 1.79
C ALA C 131 13.29 11.40 1.07
N TYR C 132 13.96 10.28 1.28
CA TYR C 132 15.20 10.02 0.57
C TYR C 132 15.50 8.53 0.52
N GLY C 133 16.18 8.10 -0.53
CA GLY C 133 16.50 6.70 -0.73
C GLY C 133 17.71 6.50 -1.59
N THR C 134 17.98 5.24 -1.92
CA THR C 134 19.13 4.84 -2.70
C THR C 134 18.75 3.82 -3.77
N LEU C 135 19.72 3.46 -4.60
CA LEU C 135 19.56 2.36 -5.55
C LEU C 135 19.33 1.11 -4.70
N ASP C 136 18.18 0.48 -4.87
CA ASP C 136 17.71 -0.55 -3.93
C ASP C 136 18.52 -1.84 -3.91
N SER C 137 19.61 -1.89 -4.69
CA SER C 137 20.59 -2.98 -4.64
C SER C 137 21.91 -2.37 -5.11
N GLY C 138 23.02 -2.71 -4.44
CA GLY C 138 24.33 -2.11 -4.74
C GLY C 138 25.15 -1.69 -3.52
N SER C 139 26.31 -1.09 -3.75
CA SER C 139 27.19 -0.73 -2.63
C SER C 139 26.70 0.47 -1.80
N THR C 140 25.86 1.33 -2.38
CA THR C 140 25.33 2.47 -1.63
C THR C 140 24.39 1.98 -0.54
N LYS C 141 23.46 1.11 -0.92
CA LYS C 141 22.50 0.58 0.04
C LYS C 141 23.21 -0.17 1.15
N GLU C 142 24.18 -0.99 0.78
CA GLU C 142 24.96 -1.77 1.74
C GLU C 142 25.74 -0.86 2.69
N PHE C 143 26.19 0.29 2.19
CA PHE C 143 26.89 1.24 3.04
C PHE C 143 26.00 1.68 4.21
N PHE C 144 24.78 2.09 3.90
CA PHE C 144 23.87 2.53 4.95
C PHE C 144 23.46 1.37 5.86
N ARG C 145 23.27 0.21 5.28
CA ARG C 145 22.93 -0.97 6.06
C ARG C 145 23.98 -1.28 7.13
N ARG C 146 25.26 -1.19 6.76
CA ARG C 146 26.36 -1.60 7.64
C ARG C 146 26.96 -0.48 8.50
N SER C 147 26.53 0.76 8.29
CA SER C 147 27.20 1.87 8.95
C SER C 147 26.88 1.93 10.44
N LYS C 148 27.91 2.22 11.24
CA LYS C 148 27.76 2.38 12.67
C LYS C 148 27.89 3.85 13.03
N ILE C 149 27.97 4.67 12.00
CA ILE C 149 28.06 6.12 12.17
C ILE C 149 26.66 6.69 12.45
N ALA C 150 26.54 7.50 13.50
CA ALA C 150 25.22 7.88 14.03
C ALA C 150 24.25 8.39 12.97
N VAL C 151 24.65 9.43 12.24
CA VAL C 151 23.78 10.03 11.25
C VAL C 151 23.40 9.02 10.16
N PHE C 152 24.36 8.21 9.72
CA PHE C 152 24.09 7.22 8.69
C PHE C 152 23.23 6.05 9.20
N ASP C 153 23.45 5.65 10.44
CA ASP C 153 22.61 4.61 11.02
C ASP C 153 21.17 5.11 11.15
N LYS C 154 21.04 6.37 11.53
CA LYS C 154 19.72 6.99 11.66
C LYS C 154 19.03 7.03 10.30
N MET C 155 19.78 7.41 9.26
CA MET C 155 19.25 7.43 7.91
C MET C 155 18.80 6.04 7.47
N TRP C 156 19.63 5.05 7.76
CA TRP C 156 19.29 3.67 7.44
C TRP C 156 18.02 3.24 8.12
N THR C 157 17.89 3.61 9.39
CA THR C 157 16.74 3.21 10.19
C THR C 157 15.47 3.80 9.62
N TYR C 158 15.58 4.97 9.01
CA TYR C 158 14.44 5.56 8.34
C TYR C 158 14.18 4.86 6.99
N MET C 159 15.21 4.77 6.16
CA MET C 159 15.03 4.27 4.80
C MET C 159 14.50 2.83 4.77
N ARG C 160 15.05 1.98 5.62
CA ARG C 160 14.73 0.56 5.58
C ARG C 160 13.26 0.31 5.89
N SER C 161 12.65 1.21 6.66
CA SER C 161 11.26 1.04 7.10
C SER C 161 10.27 1.97 6.42
N ALA C 162 10.76 2.91 5.60
CA ALA C 162 9.86 3.87 4.97
C ALA C 162 8.90 3.19 3.98
N GLU C 163 7.64 3.63 3.98
CA GLU C 163 6.62 3.09 3.10
C GLU C 163 5.82 4.22 2.47
N PRO C 164 5.60 4.17 1.16
CA PRO C 164 6.10 3.17 0.21
C PRO C 164 7.61 3.24 0.07
N SER C 165 8.18 2.30 -0.67
CA SER C 165 9.63 2.17 -0.73
C SER C 165 10.31 3.47 -1.16
N VAL C 166 11.43 3.78 -0.51
CA VAL C 166 12.23 4.94 -0.91
C VAL C 166 13.35 4.47 -1.85
N PHE C 167 13.39 3.17 -2.09
CA PHE C 167 14.45 2.61 -2.93
C PHE C 167 14.02 2.55 -4.38
N VAL C 168 14.98 2.51 -5.29
CA VAL C 168 14.67 2.53 -6.71
C VAL C 168 15.45 1.47 -7.45
N ARG C 169 14.92 1.05 -8.59
CA ARG C 169 15.54 -0.02 -9.39
C ARG C 169 16.76 0.44 -10.18
N THR C 170 16.78 1.69 -10.63
CA THR C 170 17.87 2.20 -11.46
C THR C 170 18.14 3.66 -11.13
N THR C 171 19.32 4.15 -11.51
CA THR C 171 19.64 5.57 -11.35
C THR C 171 18.61 6.45 -12.02
N ALA C 172 18.23 6.12 -13.25
CA ALA C 172 17.23 6.92 -13.97
C ALA C 172 15.94 7.10 -13.17
N GLU C 173 15.50 6.04 -12.51
CA GLU C 173 14.28 6.11 -11.72
C GLU C 173 14.45 7.02 -10.49
N GLY C 174 15.62 6.98 -9.86
CA GLY C 174 15.90 7.84 -8.73
C GLY C 174 15.91 9.32 -9.14
N VAL C 175 16.60 9.62 -10.24
CA VAL C 175 16.64 11.00 -10.74
C VAL C 175 15.25 11.49 -11.16
N ALA C 176 14.48 10.65 -11.86
CA ALA C 176 13.13 11.05 -12.21
C ALA C 176 12.31 11.36 -10.95
N ARG C 177 12.50 10.54 -9.91
CA ARG C 177 11.77 10.73 -8.66
C ARG C 177 12.12 12.09 -8.05
N VAL C 178 13.40 12.42 -8.03
CA VAL C 178 13.81 13.74 -7.54
C VAL C 178 13.14 14.84 -8.36
N ARG C 179 13.23 14.72 -9.68
CA ARG C 179 12.73 15.76 -10.58
C ARG C 179 11.22 16.00 -10.49
N LYS C 180 10.47 14.95 -10.18
CA LYS C 180 9.01 15.05 -10.17
C LYS C 180 8.44 15.35 -8.78
N SER C 181 9.28 15.32 -7.76
CA SER C 181 8.74 15.36 -6.39
C SER C 181 8.70 16.74 -5.76
N LYS C 182 8.94 17.78 -6.56
CA LYS C 182 8.80 19.15 -6.07
C LYS C 182 9.67 19.40 -4.83
N GLY C 183 10.84 18.76 -4.77
CA GLY C 183 11.74 18.97 -3.67
C GLY C 183 11.45 18.13 -2.44
N LYS C 184 10.55 17.16 -2.58
CA LYS C 184 10.18 16.33 -1.42
C LYS C 184 10.84 14.96 -1.43
N TYR C 185 11.72 14.73 -2.41
CA TYR C 185 12.54 13.52 -2.41
C TYR C 185 13.98 13.90 -2.77
N ALA C 186 14.93 13.38 -2.01
CA ALA C 186 16.36 13.55 -2.29
C ALA C 186 16.93 12.16 -2.50
N TYR C 187 17.94 12.05 -3.38
CA TYR C 187 18.43 10.76 -3.80
C TYR C 187 19.89 10.64 -3.43
N LEU C 188 20.25 9.57 -2.74
CA LEU C 188 21.63 9.31 -2.39
C LEU C 188 22.24 8.44 -3.47
N LEU C 189 23.29 8.93 -4.11
CA LEU C 189 23.91 8.17 -5.19
C LEU C 189 25.39 8.49 -5.28
N GLU C 190 26.09 7.72 -6.10
CA GLU C 190 27.52 7.90 -6.23
C GLU C 190 27.86 9.21 -6.94
N SER C 191 28.88 9.89 -6.45
CA SER C 191 29.19 11.27 -6.88
C SER C 191 29.43 11.41 -8.37
N THR C 192 30.05 10.41 -8.98
CA THR C 192 30.32 10.42 -10.42
C THR C 192 29.01 10.55 -11.21
N MET C 193 28.02 9.75 -10.83
CA MET C 193 26.70 9.82 -11.46
C MET C 193 26.07 11.17 -11.22
N ASN C 194 26.11 11.60 -9.96
CA ASN C 194 25.52 12.87 -9.54
C ASN C 194 26.11 14.05 -10.35
N GLU C 195 27.43 14.06 -10.50
CA GLU C 195 28.11 15.16 -11.19
C GLU C 195 27.83 15.14 -12.70
N TYR C 196 27.57 13.97 -13.25
CA TYR C 196 27.20 13.87 -14.67
C TYR C 196 25.80 14.43 -14.90
N ILE C 197 24.87 14.01 -14.05
CA ILE C 197 23.47 14.40 -14.13
C ILE C 197 23.29 15.90 -13.94
N GLU C 198 24.05 16.46 -13.01
CA GLU C 198 24.00 17.89 -12.72
C GLU C 198 24.31 18.74 -13.96
N GLN C 199 25.12 18.22 -14.86
CA GLN C 199 25.47 18.96 -16.07
C GLN C 199 24.69 18.52 -17.31
N ARG C 200 23.56 17.82 -17.12
CA ARG C 200 22.70 17.48 -18.24
C ARG C 200 21.33 18.16 -18.12
N LYS C 201 20.78 18.59 -19.25
CA LYS C 201 19.42 19.14 -19.29
C LYS C 201 18.49 18.12 -18.65
N PRO C 202 17.45 18.58 -17.94
CA PRO C 202 16.99 19.96 -17.77
C PRO C 202 17.70 20.77 -16.68
N CYS C 203 18.87 20.33 -16.23
CA CYS C 203 19.67 21.14 -15.32
C CYS C 203 18.89 21.57 -14.10
N ASP C 204 18.14 20.66 -13.50
CA ASP C 204 17.32 21.02 -12.35
C ASP C 204 17.69 20.28 -11.07
N THR C 205 18.83 19.60 -11.10
CA THR C 205 19.30 18.94 -9.91
C THR C 205 20.68 19.47 -9.55
N MET C 206 21.11 19.19 -8.33
CA MET C 206 22.48 19.47 -7.97
C MET C 206 22.94 18.63 -6.80
N LYS C 207 24.25 18.50 -6.71
CA LYS C 207 24.94 17.80 -5.64
C LYS C 207 25.08 18.76 -4.47
N VAL C 208 24.75 18.32 -3.27
CA VAL C 208 24.92 19.15 -2.09
C VAL C 208 25.75 18.45 -1.04
N GLY C 209 26.60 19.22 -0.37
CA GLY C 209 27.42 18.65 0.69
C GLY C 209 28.64 17.96 0.09
N GLY C 210 29.48 17.41 0.95
CA GLY C 210 30.62 16.64 0.48
C GLY C 210 30.15 15.21 0.37
N ASN C 211 31.03 14.34 -0.11
CA ASN C 211 30.73 12.92 -0.18
C ASN C 211 30.67 12.32 1.22
N LEU C 212 29.87 11.27 1.37
CA LEU C 212 29.71 10.60 2.66
C LEU C 212 30.82 9.57 2.94
N ASP C 213 31.46 9.08 1.89
CA ASP C 213 32.58 8.14 2.03
C ASP C 213 33.50 8.28 0.83
N SER C 214 34.56 7.47 0.77
CA SER C 214 35.51 7.52 -0.34
C SER C 214 35.79 6.10 -0.79
N LYS C 215 35.65 5.85 -2.08
CA LYS C 215 35.97 4.55 -2.60
C LYS C 215 36.29 4.61 -4.06
N GLY C 216 36.34 3.43 -4.70
CA GLY C 216 36.80 3.36 -6.07
C GLY C 216 36.08 2.30 -6.86
N TYR C 217 36.04 2.51 -8.17
CA TYR C 217 35.58 1.49 -9.12
C TYR C 217 36.78 0.68 -9.56
N GLY C 218 36.58 -0.63 -9.68
CA GLY C 218 37.63 -1.49 -10.19
C GLY C 218 37.11 -2.34 -11.32
N ILE C 219 38.04 -2.79 -12.18
CA ILE C 219 37.69 -3.77 -13.19
C ILE C 219 37.79 -5.12 -12.50
N ALA C 220 36.81 -5.99 -12.72
CA ALA C 220 36.74 -7.23 -11.98
C ALA C 220 36.87 -8.46 -12.87
N THR C 221 37.54 -9.48 -12.35
CA THR C 221 37.73 -10.75 -13.05
C THR C 221 37.46 -11.90 -12.08
N PRO C 222 37.13 -13.09 -12.60
CA PRO C 222 36.90 -14.23 -11.69
C PRO C 222 38.16 -14.51 -10.91
N LYS C 223 38.02 -14.99 -9.68
CA LYS C 223 39.19 -15.32 -8.90
C LYS C 223 40.10 -16.26 -9.66
N GLY C 224 41.40 -15.95 -9.64
CA GLY C 224 42.38 -16.82 -10.25
C GLY C 224 42.38 -16.78 -11.77
N SER C 225 41.70 -15.81 -12.35
CA SER C 225 41.74 -15.67 -13.80
C SER C 225 43.10 -15.12 -14.22
N SER C 226 43.63 -15.60 -15.34
CA SER C 226 44.90 -15.10 -15.83
C SER C 226 44.81 -13.65 -16.33
N LEU C 227 43.60 -13.14 -16.55
CA LEU C 227 43.42 -11.74 -16.97
C LEU C 227 43.75 -10.76 -15.85
N GLY C 228 43.58 -11.19 -14.60
CA GLY C 228 43.71 -10.28 -13.48
C GLY C 228 44.97 -9.45 -13.48
N THR C 229 46.11 -10.11 -13.60
CA THR C 229 47.40 -9.43 -13.49
C THR C 229 47.64 -8.43 -14.61
N PRO C 230 47.52 -8.86 -15.87
CA PRO C 230 47.68 -7.93 -17.00
C PRO C 230 46.69 -6.77 -16.92
N VAL C 231 45.44 -7.05 -16.56
CA VAL C 231 44.43 -5.99 -16.49
C VAL C 231 44.83 -4.95 -15.45
N ASN C 232 45.30 -5.44 -14.31
CA ASN C 232 45.73 -4.55 -13.23
C ASN C 232 46.86 -3.62 -13.68
N LEU C 233 47.87 -4.19 -14.32
CA LEU C 233 48.98 -3.40 -14.85
C LEU C 233 48.48 -2.40 -15.89
N ALA C 234 47.50 -2.80 -16.69
CA ALA C 234 46.90 -1.90 -17.67
C ALA C 234 46.21 -0.69 -17.02
N VAL C 235 45.46 -0.93 -15.95
CA VAL C 235 44.81 0.20 -15.28
C VAL C 235 45.85 1.21 -14.78
N LEU C 236 46.93 0.69 -14.21
CA LEU C 236 47.95 1.55 -13.64
C LEU C 236 48.68 2.32 -14.74
N LYS C 237 48.89 1.67 -15.88
CA LYS C 237 49.51 2.34 -17.03
C LYS C 237 48.63 3.48 -17.54
N LEU C 238 47.35 3.18 -17.76
CA LEU C 238 46.41 4.19 -18.22
C LEU C 238 46.32 5.35 -17.23
N SER C 239 46.27 5.03 -15.94
CA SER C 239 46.26 6.07 -14.93
C SER C 239 47.46 6.99 -15.11
N GLU C 240 48.65 6.41 -15.17
CA GLU C 240 49.89 7.16 -15.23
C GLU C 240 50.05 7.96 -16.52
N GLN C 241 49.50 7.44 -17.62
CA GLN C 241 49.56 8.14 -18.90
C GLN C 241 48.54 9.27 -18.98
N GLY C 242 47.71 9.39 -17.94
CA GLY C 242 46.68 10.42 -17.92
C GLY C 242 45.48 10.09 -18.80
N VAL C 243 45.40 8.86 -19.28
CA VAL C 243 44.28 8.42 -20.13
C VAL C 243 42.97 8.41 -19.35
N LEU C 244 43.02 7.96 -18.11
CA LEU C 244 41.80 7.98 -17.31
C LEU C 244 41.29 9.42 -17.05
N ASP C 245 42.19 10.37 -16.88
CA ASP C 245 41.78 11.77 -16.74
C ASP C 245 41.22 12.30 -18.07
N LYS C 246 41.87 11.90 -19.16
CA LYS C 246 41.39 12.27 -20.50
C LYS C 246 39.95 11.78 -20.67
N LEU C 247 39.72 10.50 -20.37
CA LEU C 247 38.40 9.92 -20.54
C LEU C 247 37.36 10.56 -19.64
N LYS C 248 37.74 10.86 -18.40
CA LYS C 248 36.80 11.54 -17.51
C LYS C 248 36.37 12.90 -18.08
N ASN C 249 37.32 13.69 -18.57
CA ASN C 249 36.98 14.99 -19.14
C ASN C 249 36.11 14.85 -20.39
N LYS C 250 36.42 13.85 -21.21
CA LYS C 250 35.64 13.58 -22.41
C LYS C 250 34.17 13.34 -22.08
N TRP C 251 33.90 12.47 -21.10
CA TRP C 251 32.53 12.02 -20.87
C TRP C 251 31.76 12.80 -19.83
N TRP C 252 32.46 13.57 -19.01
CA TRP C 252 31.75 14.39 -18.04
C TRP C 252 31.63 15.82 -18.51
N TYR C 253 32.77 16.50 -18.54
CA TYR C 253 32.74 17.95 -18.65
C TYR C 253 32.71 18.47 -20.10
N ASP C 254 33.37 17.75 -21.01
CA ASP C 254 33.24 18.02 -22.43
C ASP C 254 31.81 17.80 -22.90
N LYS C 255 31.04 17.06 -22.12
CA LYS C 255 29.64 16.80 -22.48
C LYS C 255 28.64 17.64 -21.67
N GLY C 256 29.14 18.68 -20.99
CA GLY C 256 28.31 19.52 -20.15
C GLY C 256 27.26 20.34 -20.89
N GLU C 257 26.03 20.32 -20.38
CA GLU C 257 24.89 21.02 -20.99
C GLU C 257 24.31 22.15 -20.13
N CYS C 258 24.87 22.38 -18.93
CA CYS C 258 24.27 23.32 -17.97
C CYS C 258 25.14 24.53 -17.57
N1 NWD D . -18.02 -1.41 -10.83
O1 NWD D . -15.73 2.04 -11.60
C2 NWD D . -19.35 -1.31 -10.62
N2 NWD D . -17.06 2.15 -11.18
O2 NWD D . -20.13 -2.43 -10.47
N3 NWD D . -19.97 -0.08 -10.58
O3 NWD D . -17.70 3.39 -11.14
C4 NWD D . -19.21 1.04 -10.76
O4 NWD D . -19.82 2.30 -10.73
C5 NWD D . -17.84 0.94 -10.96
C6 NWD D . -17.23 -0.25 -11.01
C7 NWD D . -17.36 -2.70 -10.81
C8 NWD D . -17.13 -3.28 -9.41
N8 NWD D . -16.05 -2.66 -8.66
C9 NWD D . -17.04 -4.80 -9.46
O91 NWD D . -16.09 -5.34 -9.00
O92 NWD D . -17.90 -5.48 -10.32
ZN ZN E . -2.92 5.56 -25.91
ZN ZN F . 7.14 -1.48 1.15
N1 NWD G . -9.98 -1.27 21.00
O1 NWD G . -13.84 0.11 21.86
C2 NWD G . -8.95 -0.41 20.85
N2 NWD G . -12.74 0.99 21.85
O2 NWD G . -7.68 -0.85 20.52
N3 NWD G . -9.15 0.94 21.02
O3 NWD G . -12.94 2.39 21.94
C4 NWD G . -10.38 1.40 21.35
O4 NWD G . -10.59 2.76 21.51
C5 NWD G . -11.44 0.52 21.50
C6 NWD G . -11.26 -0.80 21.33
C7 NWD G . -9.82 -2.68 20.74
C8 NWD G . -9.71 -3.05 19.26
N8 NWD G . -10.95 -3.03 18.52
C9 NWD G . -9.00 -4.39 19.13
O91 NWD G . -9.51 -5.31 18.56
O92 NWD G . -7.78 -4.50 19.75
ZN ZN H . -26.33 -7.90 37.85
ZN ZN I . -30.60 -13.84 8.21
N1 NWD J . 25.68 1.84 -7.52
O1 NWD J . 25.01 4.63 -10.65
C2 NWD J . 25.26 2.14 -6.29
N2 NWD J . 24.98 4.99 -9.29
O2 NWD J . 25.36 1.21 -5.27
N3 NWD J . 24.72 3.36 -6.00
O3 NWD J . 25.05 6.34 -8.89
C4 NWD J . 24.64 4.28 -7.01
O4 NWD J . 24.09 5.52 -6.77
C5 NWD J . 25.08 3.98 -8.28
C6 NWD J . 25.60 2.78 -8.56
C7 NWD J . 26.26 0.55 -7.78
C8 NWD J . 27.66 0.44 -7.23
N8 NWD J . 28.67 1.17 -7.99
C9 NWD J . 28.04 -1.01 -7.04
O91 NWD J . 29.02 -1.41 -7.53
O92 NWD J . 27.23 -1.81 -6.23
ZN ZN K . 46.99 3.03 -24.23
#